data_9IJ0
#
_entry.id   9IJ0
#
_cell.length_a   1.00
_cell.length_b   1.00
_cell.length_c   1.00
_cell.angle_alpha   90.00
_cell.angle_beta   90.00
_cell.angle_gamma   90.00
#
_symmetry.space_group_name_H-M   'P 1'
#
loop_
_entity.id
_entity.type
_entity.pdbx_description
1 polymer 'Piwi-like protein 2'
2 polymer 'RNA (26-MER)'
3 polymer "RNA (5'-R(P*GP*AP*UP*GP*GP*UP*AP*A)-3')"
4 non-polymer 'MAGNESIUM ION'
#
loop_
_entity_poly.entity_id
_entity_poly.type
_entity_poly.pdbx_seq_one_letter_code
_entity_poly.pdbx_strand_id
1 'polypeptide(L)'
;MDPVRPLFRGPTPVHPSQCVRMPGCWPQAPRPLEPAWGRAGPAGRGLVFRKPEDSSPPLQPVQKDSVGLVSMFRGMGLDT
AFRPPSKREVPPLGRGVLGRGLSANMVRKDREEPRSSLPDPSVLAAGDSKLAEASVGWSRMLGRGSSEVSLLPLGRAASS
IGRGMDKPPSAFGLTARDPPRLPQPPALSPTSLHSADPPPVLTMERKEKELLVKQGSKGTPQSLGLNLIKIQCHNEAVYQ
YHVTFSPSVECKSMRFGMLKDHQSVTGNVTAFDGSILYLPVKLQQVVELKSQRKTDDAEISIKIQLTKILEPCSDLCIPF
YNVVFRRVMKLLDMKLVGRNFYDPTSAMVLQQHRLQIWPGYAASIRRTDGGLFLLADVSHKVIRNDSVLDVMHAIYQQNK
EHFQDECSKLLVGSIVITRYNNRTYRIDDVDWNKTPKDSFVMSDGKEITFLEYYSKNYGITVKEDDQPLLIHRPSERQNN
HGMLLKGEILLLPELSFMTGIPEKMKKDFRAMKDLTQQINLSPKQHHGALECLLQRISQNETASNELTRWGLSLHKDVHK
IEGRLLPMERINLRNTSFVTSEDLNWVKEVTRDASILTIPMHFWALFYPKRAMDQARELVNMLEKIAGPIGMRISPPAWV
ELKDDRIETYIRTIQSLLGVEGKIQMVVCIIMGTRDDLYGAIKKLCCVQSPVPSQVINVRTIGQPTRLRSVAQKILLQMN
CKLGGELWGVDIPLKQLMVIGMDVYHDPSRGMRSVVGFVASINLTLTKWYSRVVFQMPHQEIVDSLKLCLVGSLKKYYEV
NHCLPEKIVVYRDGVSDGQLKTVANYEIPQLQKCFEAFDNYHPKMVVFVVQKKISTNLYLAAPDHFVTPSPGTVVDHTIT
SCEWVDFYLLAHHVRQGCGIPTHYICVLNTANLSPDHMQRLTFKLCHMYWNWPGTIRVPAPCKYAHKLAFLSGQILHHEP
AIQLCGNLFFL
;
A
2 'polyribonucleotide' UUACCAUCAACAUGGAAACUUGGCU(OMC) B
3 'polyribonucleotide' GAUGGUAA C
#
# COMPACT_ATOMS: atom_id res chain seq x y z
N LYS A 214 26.17 -6.03 -2.25
CA LYS A 214 24.98 -5.59 -1.53
C LYS A 214 24.93 -6.14 -0.10
N GLN A 215 25.76 -7.14 0.19
CA GLN A 215 25.69 -7.90 1.44
C GLN A 215 26.81 -7.42 2.37
N GLY A 216 26.44 -7.08 3.60
CA GLY A 216 27.41 -6.74 4.62
C GLY A 216 26.95 -7.30 5.96
N SER A 217 27.89 -7.31 6.91
CA SER A 217 27.66 -7.84 8.25
C SER A 217 28.17 -6.86 9.28
N LYS A 218 27.27 -6.36 10.13
CA LYS A 218 27.62 -5.47 11.23
C LYS A 218 26.87 -5.76 12.53
N GLY A 219 26.14 -6.88 12.61
CA GLY A 219 25.33 -7.15 13.79
C GLY A 219 25.20 -8.64 14.03
N THR A 220 24.53 -8.97 15.14
CA THR A 220 24.37 -10.35 15.55
C THR A 220 23.54 -11.13 14.53
N PRO A 221 23.95 -12.34 14.13
CA PRO A 221 23.11 -13.11 13.20
C PRO A 221 21.81 -13.54 13.84
N GLN A 222 20.80 -13.77 13.00
CA GLN A 222 19.46 -14.14 13.45
C GLN A 222 18.84 -15.08 12.43
N SER A 223 18.12 -16.08 12.92
CA SER A 223 17.54 -17.11 12.06
C SER A 223 16.06 -16.79 11.83
N LEU A 224 15.70 -16.52 10.58
CA LEU A 224 14.33 -16.21 10.20
C LEU A 224 13.79 -17.27 9.25
N GLY A 225 12.48 -17.24 9.08
CA GLY A 225 11.83 -17.97 8.02
C GLY A 225 10.87 -17.04 7.30
N LEU A 226 10.49 -17.45 6.10
CA LEU A 226 9.64 -16.63 5.24
C LEU A 226 8.45 -17.45 4.78
N ASN A 227 7.52 -16.79 4.10
CA ASN A 227 6.47 -17.46 3.37
C ASN A 227 6.89 -17.69 1.92
N LEU A 228 8.08 -18.28 1.75
CA LEU A 228 8.64 -18.62 0.46
C LEU A 228 9.03 -20.09 0.48
N ILE A 229 8.54 -20.83 -0.51
CA ILE A 229 8.85 -22.26 -0.65
C ILE A 229 9.76 -22.40 -1.87
N LYS A 230 10.96 -22.93 -1.65
CA LYS A 230 11.94 -23.01 -2.72
C LYS A 230 11.52 -24.02 -3.77
N ILE A 231 11.57 -23.61 -5.04
CA ILE A 231 11.30 -24.48 -6.18
C ILE A 231 12.64 -24.94 -6.75
N GLN A 232 12.69 -26.19 -7.19
CA GLN A 232 13.90 -26.81 -7.70
C GLN A 232 13.68 -27.25 -9.14
N CYS A 233 14.62 -26.90 -10.01
CA CYS A 233 14.55 -27.20 -11.43
C CYS A 233 15.54 -28.32 -11.77
N HIS A 234 15.05 -29.32 -12.50
CA HIS A 234 15.81 -30.54 -12.73
C HIS A 234 16.55 -30.57 -14.06
N ASN A 235 15.99 -29.99 -15.11
CA ASN A 235 16.63 -29.91 -16.41
C ASN A 235 17.23 -28.52 -16.59
N GLU A 236 18.00 -28.36 -17.68
CA GLU A 236 18.33 -27.05 -18.24
C GLU A 236 17.98 -27.14 -19.72
N ALA A 237 16.68 -27.01 -20.02
CA ALA A 237 16.19 -27.33 -21.35
C ALA A 237 15.05 -26.41 -21.79
N VAL A 238 14.98 -25.19 -21.27
CA VAL A 238 13.92 -24.29 -21.67
C VAL A 238 14.29 -23.69 -23.01
N TYR A 239 13.85 -24.32 -24.09
CA TYR A 239 14.18 -23.87 -25.44
C TYR A 239 13.04 -23.06 -26.01
N GLN A 240 13.34 -21.84 -26.44
CA GLN A 240 12.36 -20.97 -27.09
C GLN A 240 12.43 -21.16 -28.60
N TYR A 241 11.26 -21.24 -29.23
CA TYR A 241 11.15 -21.43 -30.66
C TYR A 241 10.22 -20.36 -31.23
N HIS A 242 10.57 -19.85 -32.41
CA HIS A 242 9.71 -18.94 -33.15
C HIS A 242 8.93 -19.76 -34.17
N VAL A 243 7.60 -19.71 -34.09
CA VAL A 243 6.71 -20.51 -34.93
C VAL A 243 6.03 -19.59 -35.91
N THR A 244 6.12 -19.91 -37.19
CA THR A 244 5.53 -19.13 -38.26
C THR A 244 4.66 -20.02 -39.14
N PHE A 245 3.57 -19.45 -39.64
CA PHE A 245 2.57 -20.16 -40.42
C PHE A 245 2.60 -19.66 -41.86
N SER A 246 2.43 -20.59 -42.80
CA SER A 246 2.54 -20.22 -44.21
C SER A 246 1.51 -19.18 -44.64
N PRO A 247 0.20 -19.34 -44.38
CA PRO A 247 -0.74 -18.23 -44.60
C PRO A 247 -0.96 -17.43 -43.33
N SER A 248 -1.48 -16.23 -43.45
CA SER A 248 -1.89 -15.49 -42.26
C SER A 248 -3.08 -16.20 -41.63
N VAL A 249 -2.87 -16.76 -40.45
CA VAL A 249 -3.86 -17.61 -39.79
C VAL A 249 -4.57 -16.76 -38.74
N GLU A 250 -5.89 -16.65 -38.87
CA GLU A 250 -6.69 -15.80 -38.00
C GLU A 250 -7.04 -16.57 -36.73
N CYS A 251 -6.94 -15.89 -35.58
CA CYS A 251 -7.37 -16.39 -34.27
C CYS A 251 -6.35 -17.41 -33.75
N LYS A 252 -5.89 -17.20 -32.50
CA LYS A 252 -4.85 -18.05 -31.96
C LYS A 252 -5.34 -19.46 -31.67
N SER A 253 -6.66 -19.65 -31.52
CA SER A 253 -7.19 -20.97 -31.22
C SER A 253 -6.88 -21.97 -32.34
N MET A 254 -7.05 -21.53 -33.59
CA MET A 254 -6.75 -22.42 -34.71
C MET A 254 -5.27 -22.76 -34.74
N ARG A 255 -4.41 -21.78 -34.45
CA ARG A 255 -2.97 -22.06 -34.42
C ARG A 255 -2.64 -23.07 -33.33
N PHE A 256 -3.25 -22.92 -32.15
CA PHE A 256 -2.98 -23.86 -31.07
C PHE A 256 -3.44 -25.27 -31.42
N GLY A 257 -4.60 -25.38 -32.07
CA GLY A 257 -5.04 -26.69 -32.53
C GLY A 257 -4.12 -27.29 -33.57
N MET A 258 -3.66 -26.47 -34.52
CA MET A 258 -2.72 -26.95 -35.53
C MET A 258 -1.46 -27.49 -34.88
N LEU A 259 -0.92 -26.77 -33.88
CA LEU A 259 0.25 -27.29 -33.18
C LEU A 259 -0.12 -28.56 -32.42
N LYS A 260 -1.34 -28.63 -31.89
CA LYS A 260 -1.75 -29.79 -31.10
C LYS A 260 -1.76 -31.07 -31.93
N ASP A 261 -2.24 -31.00 -33.17
CA ASP A 261 -2.37 -32.23 -33.96
C ASP A 261 -1.01 -32.84 -34.25
N HIS A 262 0.02 -32.02 -34.40
CA HIS A 262 1.38 -32.49 -34.65
C HIS A 262 2.20 -32.65 -33.37
N GLN A 263 1.55 -32.96 -32.25
CA GLN A 263 2.23 -33.10 -30.98
C GLN A 263 3.27 -34.22 -30.99
N SER A 264 3.18 -35.15 -31.96
CA SER A 264 4.18 -36.20 -32.06
C SER A 264 5.57 -35.62 -32.30
N VAL A 265 5.66 -34.45 -32.92
CA VAL A 265 6.96 -33.83 -33.19
C VAL A 265 7.47 -33.10 -31.95
N THR A 266 6.63 -32.25 -31.36
CA THR A 266 7.05 -31.45 -30.22
C THR A 266 6.95 -32.23 -28.92
N GLY A 267 5.80 -32.86 -28.68
CA GLY A 267 5.56 -33.59 -27.44
C GLY A 267 4.22 -33.23 -26.83
N ASN A 268 4.16 -33.18 -25.50
CA ASN A 268 2.95 -32.78 -24.80
C ASN A 268 3.23 -31.88 -23.60
N VAL A 269 4.40 -31.24 -23.56
CA VAL A 269 4.78 -30.36 -22.47
C VAL A 269 4.97 -28.96 -23.04
N THR A 270 4.20 -28.63 -24.08
CA THR A 270 4.37 -27.38 -24.80
C THR A 270 3.63 -26.24 -24.10
N ALA A 271 4.31 -25.10 -23.97
CA ALA A 271 3.70 -23.86 -23.53
C ALA A 271 3.68 -22.91 -24.72
N PHE A 272 2.49 -22.68 -25.26
CA PHE A 272 2.32 -21.96 -26.53
C PHE A 272 1.42 -20.77 -26.30
N ASP A 273 1.78 -19.62 -26.89
CA ASP A 273 1.00 -18.39 -26.74
C ASP A 273 0.67 -17.70 -28.05
N GLY A 274 1.15 -18.21 -29.19
CA GLY A 274 0.79 -17.67 -30.49
C GLY A 274 1.98 -17.41 -31.40
N SER A 275 3.09 -16.98 -30.83
CA SER A 275 4.30 -16.66 -31.59
C SER A 275 5.54 -17.35 -31.05
N ILE A 276 5.66 -17.49 -29.73
CA ILE A 276 6.83 -18.10 -29.09
C ILE A 276 6.38 -19.38 -28.41
N LEU A 277 7.12 -20.46 -28.66
CA LEU A 277 6.78 -21.78 -28.16
C LEU A 277 7.92 -22.29 -27.30
N TYR A 278 7.61 -22.62 -26.04
CA TYR A 278 8.61 -23.11 -25.09
C TYR A 278 8.54 -24.63 -25.02
N LEU A 279 9.70 -25.27 -25.09
CA LEU A 279 9.80 -26.72 -24.96
C LEU A 279 10.82 -27.09 -23.89
N PRO A 280 10.63 -28.22 -23.21
CA PRO A 280 11.70 -28.77 -22.37
C PRO A 280 12.63 -29.75 -23.07
N VAL A 281 12.53 -29.86 -24.40
CA VAL A 281 13.36 -30.77 -25.19
C VAL A 281 13.78 -30.06 -26.46
N LYS A 282 15.01 -30.32 -26.90
CA LYS A 282 15.56 -29.66 -28.08
C LYS A 282 15.13 -30.42 -29.33
N LEU A 283 14.40 -29.74 -30.21
CA LEU A 283 14.05 -30.28 -31.51
C LEU A 283 15.25 -30.10 -32.45
N GLN A 284 15.05 -30.36 -33.74
CA GLN A 284 16.09 -30.11 -34.72
C GLN A 284 16.23 -28.61 -34.95
N GLN A 285 17.33 -28.23 -35.61
CA GLN A 285 17.60 -26.82 -35.86
C GLN A 285 16.49 -26.19 -36.69
N VAL A 286 16.03 -26.90 -37.72
CA VAL A 286 14.92 -26.48 -38.56
C VAL A 286 13.93 -27.62 -38.61
N VAL A 287 12.65 -27.34 -38.30
CA VAL A 287 11.59 -28.34 -38.37
C VAL A 287 10.49 -27.79 -39.26
N GLU A 288 10.12 -28.56 -40.29
CA GLU A 288 9.07 -28.18 -41.22
C GLU A 288 7.99 -29.25 -41.20
N LEU A 289 6.73 -28.82 -41.13
CA LEU A 289 5.60 -29.74 -41.08
C LEU A 289 4.48 -29.21 -41.96
N LYS A 290 3.56 -30.09 -42.31
CA LYS A 290 2.44 -29.76 -43.18
C LYS A 290 1.13 -30.15 -42.52
N SER A 291 0.08 -29.38 -42.81
CA SER A 291 -1.24 -29.65 -42.24
C SER A 291 -2.30 -29.05 -43.15
N GLN A 292 -3.56 -29.40 -42.86
CA GLN A 292 -4.71 -28.95 -43.62
C GLN A 292 -5.66 -28.19 -42.72
N ARG A 293 -6.21 -27.09 -43.24
CA ARG A 293 -7.16 -26.29 -42.50
C ARG A 293 -8.55 -26.93 -42.54
N LYS A 294 -9.28 -26.78 -41.43
CA LYS A 294 -10.62 -27.35 -41.34
C LYS A 294 -11.64 -26.57 -42.14
N THR A 295 -11.43 -25.26 -42.32
CA THR A 295 -12.41 -24.40 -42.98
C THR A 295 -12.17 -24.32 -44.48
N ASP A 296 -11.01 -23.82 -44.88
CA ASP A 296 -10.69 -23.60 -46.29
C ASP A 296 -9.95 -24.77 -46.94
N ASP A 297 -9.57 -25.79 -46.17
CA ASP A 297 -8.81 -26.92 -46.69
C ASP A 297 -7.51 -26.46 -47.35
N ALA A 298 -6.90 -25.42 -46.78
CA ALA A 298 -5.65 -24.90 -47.30
C ALA A 298 -4.47 -25.73 -46.79
N GLU A 299 -3.38 -25.69 -47.55
CA GLU A 299 -2.16 -26.43 -47.23
C GLU A 299 -1.25 -25.49 -46.45
N ILE A 300 -1.11 -25.74 -45.15
CA ILE A 300 -0.33 -24.90 -44.26
C ILE A 300 0.99 -25.60 -43.98
N SER A 301 2.09 -24.97 -44.40
CA SER A 301 3.44 -25.43 -44.08
C SER A 301 3.95 -24.60 -42.91
N ILE A 302 4.12 -25.24 -41.77
CA ILE A 302 4.51 -24.58 -40.53
C ILE A 302 5.99 -24.84 -40.26
N LYS A 303 6.65 -23.84 -39.69
CA LYS A 303 8.08 -23.82 -39.45
C LYS A 303 8.36 -23.63 -37.97
N ILE A 304 9.31 -24.40 -37.45
CA ILE A 304 9.78 -24.27 -36.07
C ILE A 304 11.29 -24.07 -36.14
N GLN A 305 11.76 -22.98 -35.52
CA GLN A 305 13.16 -22.59 -35.51
C GLN A 305 13.58 -22.23 -34.10
N LEU A 306 14.74 -22.71 -33.68
CA LEU A 306 15.24 -22.43 -32.34
C LEU A 306 15.65 -20.97 -32.23
N THR A 307 15.32 -20.34 -31.10
CA THR A 307 15.67 -18.95 -30.83
C THR A 307 16.72 -18.84 -29.74
N LYS A 308 16.50 -19.43 -28.57
CA LYS A 308 17.47 -19.33 -27.49
C LYS A 308 17.27 -20.45 -26.47
N ILE A 309 18.32 -20.69 -25.70
CA ILE A 309 18.37 -21.75 -24.70
C ILE A 309 18.41 -21.08 -23.34
N LEU A 310 17.26 -20.89 -22.70
CA LEU A 310 17.21 -20.23 -21.41
C LEU A 310 17.62 -21.21 -20.31
N GLU A 311 18.08 -20.63 -19.19
CA GLU A 311 18.16 -21.43 -17.98
C GLU A 311 16.77 -21.61 -17.40
N PRO A 312 16.58 -22.61 -16.52
CA PRO A 312 15.23 -22.83 -15.97
C PRO A 312 14.67 -21.64 -15.23
N CYS A 313 15.52 -20.81 -14.64
CA CYS A 313 15.11 -19.60 -13.93
C CYS A 313 15.82 -18.43 -14.59
N SER A 314 15.11 -17.74 -15.50
CA SER A 314 15.73 -16.75 -16.37
C SER A 314 14.91 -15.47 -16.51
N ASP A 315 13.90 -15.27 -15.67
CA ASP A 315 13.09 -14.04 -15.67
C ASP A 315 12.26 -13.86 -16.93
N LEU A 316 12.33 -14.79 -17.87
CA LEU A 316 11.55 -14.75 -19.11
C LEU A 316 10.68 -15.97 -19.29
N CYS A 317 11.11 -17.13 -18.80
CA CYS A 317 10.28 -18.32 -18.71
C CYS A 317 9.52 -18.38 -17.38
N ILE A 318 9.44 -17.27 -16.66
CA ILE A 318 8.69 -17.18 -15.42
C ILE A 318 7.18 -17.06 -15.65
N PRO A 319 6.66 -16.32 -16.63
CA PRO A 319 5.21 -16.06 -16.63
C PRO A 319 4.34 -17.18 -17.18
N PHE A 320 4.88 -18.38 -17.43
CA PHE A 320 4.08 -19.56 -17.68
C PHE A 320 4.22 -20.63 -16.59
N TYR A 321 5.26 -20.56 -15.78
CA TYR A 321 5.25 -21.32 -14.54
C TYR A 321 4.04 -20.93 -13.71
N ASN A 322 3.67 -19.65 -13.74
CA ASN A 322 2.46 -19.21 -13.04
C ASN A 322 1.21 -19.85 -13.64
N VAL A 323 1.15 -19.99 -14.95
CA VAL A 323 0.01 -20.66 -15.57
C VAL A 323 -0.06 -22.11 -15.13
N VAL A 324 1.09 -22.79 -15.10
CA VAL A 324 1.12 -24.17 -14.64
C VAL A 324 0.64 -24.26 -13.19
N PHE A 325 1.08 -23.32 -12.35
CA PHE A 325 0.65 -23.34 -10.96
C PHE A 325 -0.85 -23.06 -10.82
N ARG A 326 -1.38 -22.14 -11.63
CA ARG A 326 -2.82 -21.90 -11.60
C ARG A 326 -3.58 -23.16 -11.99
N ARG A 327 -3.10 -23.87 -13.00
CA ARG A 327 -3.72 -25.12 -13.39
C ARG A 327 -3.66 -26.13 -12.25
N VAL A 328 -2.54 -26.18 -11.54
CA VAL A 328 -2.41 -27.09 -10.40
C VAL A 328 -3.43 -26.75 -9.32
N MET A 329 -3.51 -25.48 -8.94
CA MET A 329 -4.41 -25.09 -7.86
C MET A 329 -5.86 -25.31 -8.26
N LYS A 330 -6.21 -25.05 -9.51
CA LYS A 330 -7.55 -25.38 -9.99
C LYS A 330 -7.77 -26.88 -10.00
N LEU A 331 -6.72 -27.66 -10.21
CA LEU A 331 -6.80 -29.11 -10.14
C LEU A 331 -6.97 -29.62 -8.71
N LEU A 332 -6.63 -28.81 -7.72
CA LEU A 332 -6.92 -29.12 -6.33
C LEU A 332 -8.37 -28.82 -5.95
N ASP A 333 -9.21 -28.46 -6.92
CA ASP A 333 -10.62 -28.13 -6.66
C ASP A 333 -10.73 -26.88 -5.79
N MET A 334 -10.05 -25.82 -6.21
CA MET A 334 -10.09 -24.52 -5.56
C MET A 334 -10.54 -23.49 -6.57
N LYS A 335 -11.66 -22.82 -6.30
CA LYS A 335 -12.22 -21.89 -7.26
C LYS A 335 -11.37 -20.64 -7.37
N LEU A 336 -11.34 -20.07 -8.56
CA LEU A 336 -10.64 -18.82 -8.84
C LEU A 336 -11.61 -17.66 -8.67
N VAL A 337 -11.31 -16.77 -7.71
CA VAL A 337 -12.07 -15.55 -7.52
C VAL A 337 -11.09 -14.40 -7.60
N GLY A 338 -11.34 -13.47 -8.52
CA GLY A 338 -10.40 -12.39 -8.75
C GLY A 338 -9.05 -12.94 -9.18
N ARG A 339 -8.07 -12.89 -8.28
CA ARG A 339 -6.75 -13.46 -8.52
C ARG A 339 -6.31 -14.39 -7.39
N ASN A 340 -7.27 -14.92 -6.62
CA ASN A 340 -6.98 -15.79 -5.49
C ASN A 340 -7.75 -17.10 -5.62
N PHE A 341 -7.27 -18.10 -4.87
CA PHE A 341 -7.78 -19.47 -4.90
C PHE A 341 -8.51 -19.73 -3.59
N TYR A 342 -9.83 -19.86 -3.66
CA TYR A 342 -10.66 -20.06 -2.48
C TYR A 342 -11.27 -21.46 -2.47
N ASP A 343 -11.66 -21.89 -1.27
CA ASP A 343 -12.13 -23.25 -1.00
C ASP A 343 -13.58 -23.20 -0.54
N PRO A 344 -14.55 -23.37 -1.45
CA PRO A 344 -15.95 -23.39 -1.01
C PRO A 344 -16.28 -24.51 -0.04
N THR A 345 -15.48 -25.57 0.02
CA THR A 345 -15.72 -26.65 0.98
C THR A 345 -15.12 -26.30 2.34
N SER A 346 -15.48 -25.13 2.86
CA SER A 346 -15.06 -24.68 4.17
C SER A 346 -16.07 -23.60 4.58
N ALA A 347 -17.07 -23.99 5.35
CA ALA A 347 -18.29 -23.19 5.51
C ALA A 347 -18.48 -22.75 6.94
N MET A 348 -17.44 -22.17 7.54
CA MET A 348 -17.57 -21.69 8.92
C MET A 348 -18.53 -20.51 8.92
N VAL A 349 -19.80 -20.80 9.17
CA VAL A 349 -20.85 -19.79 9.08
C VAL A 349 -20.90 -18.98 10.38
N LEU A 350 -21.55 -17.82 10.30
CA LEU A 350 -21.83 -16.99 11.46
C LEU A 350 -23.32 -16.89 11.76
N GLN A 351 -24.18 -17.02 10.75
CA GLN A 351 -25.62 -17.18 10.93
C GLN A 351 -26.27 -15.99 11.66
N GLN A 352 -25.62 -14.83 11.62
CA GLN A 352 -26.20 -13.60 12.13
C GLN A 352 -26.86 -12.76 11.04
N HIS A 353 -26.30 -12.76 9.84
CA HIS A 353 -26.91 -12.22 8.64
C HIS A 353 -26.83 -13.25 7.52
N ARG A 354 -26.76 -14.53 7.87
CA ARG A 354 -26.60 -15.62 6.92
C ARG A 354 -25.32 -15.40 6.08
N LEU A 355 -24.21 -15.39 6.81
CA LEU A 355 -22.90 -15.06 6.28
C LEU A 355 -22.04 -16.31 6.20
N GLN A 356 -21.04 -16.28 5.32
CA GLN A 356 -20.10 -17.38 5.16
C GLN A 356 -18.72 -16.82 4.89
N ILE A 357 -17.73 -17.33 5.61
CA ILE A 357 -16.33 -16.98 5.39
C ILE A 357 -15.63 -18.24 4.93
N TRP A 358 -14.85 -18.14 3.86
CA TRP A 358 -13.97 -19.25 3.51
C TRP A 358 -12.56 -18.76 3.19
N PRO A 359 -11.53 -19.56 3.48
CA PRO A 359 -10.16 -19.11 3.29
C PRO A 359 -9.57 -19.55 1.97
N GLY A 360 -8.58 -18.77 1.52
CA GLY A 360 -7.85 -19.09 0.32
C GLY A 360 -6.44 -18.52 0.37
N TYR A 361 -5.72 -18.61 -0.74
CA TYR A 361 -4.34 -18.20 -0.79
C TYR A 361 -4.13 -17.23 -1.95
N ALA A 362 -3.25 -16.26 -1.71
CA ALA A 362 -2.66 -15.43 -2.75
C ALA A 362 -1.28 -16.00 -3.02
N ALA A 363 -1.10 -16.62 -4.18
CA ALA A 363 0.09 -17.42 -4.47
C ALA A 363 0.66 -17.03 -5.82
N SER A 364 1.99 -17.02 -5.91
CA SER A 364 2.68 -16.71 -7.15
C SER A 364 4.06 -17.35 -7.13
N ILE A 365 4.69 -17.39 -8.29
CA ILE A 365 6.06 -17.89 -8.44
C ILE A 365 6.95 -16.71 -8.80
N ARG A 366 7.85 -16.35 -7.89
CA ARG A 366 8.82 -15.29 -8.09
C ARG A 366 10.20 -15.91 -8.26
N ARG A 367 11.14 -15.10 -8.73
CA ARG A 367 12.54 -15.47 -8.71
C ARG A 367 13.37 -14.31 -8.16
N THR A 368 14.31 -14.65 -7.28
CA THR A 368 15.19 -13.69 -6.64
C THR A 368 16.63 -14.16 -6.84
N ASP A 369 17.57 -13.44 -6.26
CA ASP A 369 18.98 -13.77 -6.46
C ASP A 369 19.40 -15.03 -5.71
N GLY A 370 18.48 -15.76 -5.08
CA GLY A 370 18.77 -17.07 -4.54
C GLY A 370 18.22 -18.19 -5.42
N GLY A 371 17.31 -17.85 -6.33
CA GLY A 371 16.72 -18.85 -7.22
C GLY A 371 15.25 -18.60 -7.48
N LEU A 372 14.46 -19.68 -7.56
CA LEU A 372 13.01 -19.60 -7.69
C LEU A 372 12.36 -19.82 -6.34
N PHE A 373 11.24 -19.13 -6.11
CA PHE A 373 10.47 -19.30 -4.89
C PHE A 373 8.99 -19.21 -5.22
N LEU A 374 8.18 -19.88 -4.41
CA LEU A 374 6.73 -19.73 -4.41
C LEU A 374 6.37 -18.86 -3.21
N LEU A 375 5.78 -17.71 -3.49
CA LEU A 375 5.32 -16.78 -2.46
C LEU A 375 3.83 -17.06 -2.23
N ALA A 376 3.49 -17.38 -0.98
CA ALA A 376 2.12 -17.74 -0.61
C ALA A 376 1.70 -16.96 0.61
N ASP A 377 0.49 -16.40 0.56
CA ASP A 377 -0.09 -15.67 1.69
C ASP A 377 -1.52 -16.13 1.87
N VAL A 378 -2.02 -16.01 3.10
CA VAL A 378 -3.37 -16.46 3.45
C VAL A 378 -4.33 -15.29 3.31
N SER A 379 -5.59 -15.60 3.01
CA SER A 379 -6.62 -14.58 2.86
C SER A 379 -7.97 -15.24 3.12
N HIS A 380 -9.00 -14.41 3.31
CA HIS A 380 -10.35 -14.90 3.57
C HIS A 380 -11.37 -14.08 2.79
N LYS A 381 -12.39 -14.75 2.28
CA LYS A 381 -13.46 -14.13 1.52
C LYS A 381 -14.78 -14.32 2.25
N VAL A 382 -15.62 -13.28 2.21
CA VAL A 382 -16.88 -13.24 2.94
C VAL A 382 -18.01 -13.08 1.92
N ILE A 383 -19.04 -13.92 2.04
CA ILE A 383 -20.15 -13.93 1.09
C ILE A 383 -21.44 -14.23 1.85
N ARG A 384 -22.51 -13.53 1.49
CA ARG A 384 -23.81 -13.77 2.11
C ARG A 384 -24.44 -15.05 1.56
N ASN A 385 -25.32 -15.66 2.36
CA ASN A 385 -26.08 -16.81 1.91
C ASN A 385 -27.35 -16.40 1.16
N ASP A 386 -28.02 -15.35 1.63
CA ASP A 386 -29.24 -14.92 0.98
C ASP A 386 -28.93 -14.26 -0.36
N SER A 387 -29.71 -14.61 -1.38
CA SER A 387 -29.55 -14.00 -2.69
C SER A 387 -29.91 -12.52 -2.62
N VAL A 388 -29.52 -11.78 -3.66
CA VAL A 388 -29.85 -10.37 -3.72
C VAL A 388 -31.36 -10.18 -3.73
N LEU A 389 -32.08 -11.09 -4.40
CA LEU A 389 -33.54 -11.00 -4.46
C LEU A 389 -34.15 -11.07 -3.07
N ASP A 390 -33.68 -11.98 -2.23
CA ASP A 390 -34.24 -12.13 -0.89
C ASP A 390 -34.01 -10.87 -0.05
N VAL A 391 -32.81 -10.28 -0.13
CA VAL A 391 -32.54 -9.12 0.70
C VAL A 391 -33.32 -7.91 0.21
N MET A 392 -33.45 -7.73 -1.11
CA MET A 392 -34.28 -6.60 -1.56
C MET A 392 -35.74 -6.85 -1.23
N HIS A 393 -36.17 -8.11 -1.23
CA HIS A 393 -37.53 -8.43 -0.82
C HIS A 393 -37.76 -8.08 0.64
N ALA A 394 -36.78 -8.37 1.49
CA ALA A 394 -36.88 -7.96 2.89
C ALA A 394 -36.92 -6.43 3.02
N ILE A 395 -36.10 -5.74 2.24
CA ILE A 395 -36.05 -4.29 2.24
C ILE A 395 -37.44 -3.75 1.92
N TYR A 396 -38.04 -4.27 0.85
CA TYR A 396 -39.36 -3.80 0.44
C TYR A 396 -40.44 -4.29 1.39
N GLN A 397 -40.16 -5.36 2.14
CA GLN A 397 -41.11 -5.90 3.11
C GLN A 397 -41.23 -4.94 4.29
N GLN A 398 -40.11 -4.44 4.80
CA GLN A 398 -40.18 -3.52 5.95
C GLN A 398 -40.88 -2.22 5.56
N ASN A 399 -40.45 -1.59 4.47
CA ASN A 399 -41.09 -0.36 4.02
C ASN A 399 -42.23 -0.73 3.09
N LYS A 400 -42.93 0.24 2.52
CA LYS A 400 -43.63 0.01 1.26
C LYS A 400 -43.63 1.24 0.37
N GLU A 401 -43.48 2.43 0.96
CA GLU A 401 -43.67 3.67 0.21
C GLU A 401 -42.57 3.85 -0.82
N HIS A 402 -41.31 3.61 -0.42
CA HIS A 402 -40.16 3.80 -1.29
C HIS A 402 -39.26 2.58 -1.17
N PHE A 403 -38.95 1.95 -2.30
CA PHE A 403 -37.83 1.03 -2.41
C PHE A 403 -36.71 1.56 -3.31
N GLN A 404 -36.70 2.87 -3.59
CA GLN A 404 -35.56 3.47 -4.29
C GLN A 404 -34.33 3.54 -3.39
N ASP A 405 -34.41 4.33 -2.33
CA ASP A 405 -33.22 4.67 -1.54
C ASP A 405 -32.52 3.42 -1.02
N GLU A 406 -33.25 2.56 -0.33
CA GLU A 406 -32.62 1.45 0.39
C GLU A 406 -31.99 0.45 -0.57
N CYS A 407 -32.78 -0.10 -1.50
CA CYS A 407 -32.25 -1.10 -2.41
C CYS A 407 -31.16 -0.51 -3.31
N SER A 408 -31.39 0.69 -3.84
CA SER A 408 -30.40 1.29 -4.72
C SER A 408 -29.08 1.52 -4.00
N LYS A 409 -29.12 2.03 -2.76
CA LYS A 409 -27.88 2.33 -2.06
C LYS A 409 -27.17 1.04 -1.66
N LEU A 410 -27.92 0.03 -1.21
CA LEU A 410 -27.27 -1.22 -0.80
C LEU A 410 -26.66 -1.95 -2.01
N LEU A 411 -27.36 -1.93 -3.15
CA LEU A 411 -26.87 -2.68 -4.31
C LEU A 411 -25.82 -1.88 -5.07
N VAL A 412 -26.12 -0.63 -5.41
CA VAL A 412 -25.21 0.17 -6.24
C VAL A 412 -23.94 0.44 -5.46
N GLY A 413 -22.79 0.18 -6.10
CA GLY A 413 -21.50 0.34 -5.47
C GLY A 413 -20.99 -0.90 -4.76
N SER A 414 -21.86 -1.86 -4.46
CA SER A 414 -21.46 -3.12 -3.86
C SER A 414 -21.10 -4.13 -4.94
N ILE A 415 -20.35 -5.15 -4.54
CA ILE A 415 -19.86 -6.18 -5.44
C ILE A 415 -20.58 -7.48 -5.11
N VAL A 416 -21.08 -8.16 -6.14
CA VAL A 416 -21.80 -9.42 -6.00
C VAL A 416 -21.00 -10.50 -6.70
N ILE A 417 -21.38 -11.75 -6.42
CA ILE A 417 -20.77 -12.92 -7.02
C ILE A 417 -21.86 -13.85 -7.52
N THR A 418 -21.66 -14.41 -8.71
CA THR A 418 -22.51 -15.45 -9.26
C THR A 418 -21.86 -16.80 -8.97
N ARG A 419 -22.64 -17.70 -8.36
CA ARG A 419 -22.14 -18.98 -7.87
C ARG A 419 -22.19 -20.08 -8.91
N TYR A 420 -22.93 -19.91 -10.00
CA TYR A 420 -22.93 -20.89 -11.07
C TYR A 420 -21.64 -20.85 -11.90
N ASN A 421 -20.87 -19.77 -11.79
CA ASN A 421 -19.52 -19.73 -12.33
C ASN A 421 -18.52 -19.12 -11.36
N ASN A 422 -18.94 -18.73 -10.16
CA ASN A 422 -18.05 -18.15 -9.14
C ASN A 422 -17.32 -16.93 -9.68
N ARG A 423 -18.06 -16.03 -10.32
CA ARG A 423 -17.47 -14.82 -10.89
C ARG A 423 -18.06 -13.58 -10.24
N THR A 424 -17.20 -12.58 -10.02
CA THR A 424 -17.57 -11.36 -9.31
C THR A 424 -17.85 -10.24 -10.29
N TYR A 425 -18.90 -9.48 -10.01
CA TYR A 425 -19.26 -8.30 -10.78
C TYR A 425 -19.62 -7.18 -9.81
N ARG A 426 -19.15 -5.97 -10.11
CA ARG A 426 -19.56 -4.78 -9.37
C ARG A 426 -20.73 -4.14 -10.11
N ILE A 427 -21.74 -3.73 -9.35
CA ILE A 427 -23.06 -3.42 -9.92
C ILE A 427 -23.14 -1.90 -10.03
N ASP A 428 -23.13 -1.39 -11.27
CA ASP A 428 -23.17 0.06 -11.46
C ASP A 428 -24.54 0.64 -11.14
N ASP A 429 -25.61 -0.08 -11.45
CA ASP A 429 -26.95 0.45 -11.22
C ASP A 429 -27.94 -0.71 -11.14
N VAL A 430 -29.19 -0.38 -10.82
CA VAL A 430 -30.29 -1.35 -10.79
C VAL A 430 -31.47 -0.72 -11.53
N ASP A 431 -32.14 -1.51 -12.37
CA ASP A 431 -33.32 -1.04 -13.12
C ASP A 431 -34.52 -1.88 -12.77
N TRP A 432 -35.63 -1.21 -12.43
CA TRP A 432 -36.92 -1.88 -12.20
C TRP A 432 -37.74 -1.85 -13.49
N ASN A 433 -37.12 -2.12 -14.63
CA ASN A 433 -37.72 -1.89 -15.93
C ASN A 433 -37.63 -3.06 -16.88
N LYS A 434 -36.76 -4.03 -16.61
CA LYS A 434 -36.56 -5.18 -17.47
C LYS A 434 -36.87 -6.46 -16.68
N THR A 435 -37.29 -7.49 -17.40
CA THR A 435 -37.65 -8.78 -16.85
C THR A 435 -36.94 -9.86 -17.65
N PRO A 436 -36.97 -11.11 -17.17
CA PRO A 436 -36.41 -12.20 -17.99
C PRO A 436 -37.09 -12.32 -19.35
N LYS A 437 -38.33 -11.86 -19.49
CA LYS A 437 -38.99 -11.89 -20.79
C LYS A 437 -38.29 -10.99 -21.81
N ASP A 438 -37.55 -9.98 -21.36
CA ASP A 438 -36.74 -9.19 -22.27
C ASP A 438 -35.64 -10.06 -22.88
N SER A 439 -34.98 -9.53 -23.91
CA SER A 439 -34.05 -10.31 -24.71
C SER A 439 -32.82 -9.49 -25.05
N PHE A 440 -31.74 -10.21 -25.38
CA PHE A 440 -30.48 -9.62 -25.82
C PHE A 440 -29.96 -10.44 -26.99
N VAL A 441 -29.16 -9.79 -27.85
CA VAL A 441 -28.59 -10.47 -29.01
C VAL A 441 -27.32 -11.19 -28.59
N MET A 442 -27.25 -12.49 -28.91
CA MET A 442 -26.15 -13.34 -28.49
C MET A 442 -25.30 -13.69 -29.70
N SER A 443 -24.01 -13.35 -29.65
CA SER A 443 -23.06 -13.69 -30.70
C SER A 443 -23.50 -13.17 -32.07
N ASP A 444 -24.29 -12.08 -32.06
CA ASP A 444 -24.81 -11.48 -33.29
C ASP A 444 -25.66 -12.47 -34.08
N GLY A 445 -26.19 -13.49 -33.40
CA GLY A 445 -26.92 -14.56 -34.05
C GLY A 445 -28.41 -14.52 -33.85
N LYS A 446 -28.86 -14.22 -32.62
CA LYS A 446 -30.26 -14.33 -32.25
C LYS A 446 -30.54 -13.45 -31.04
N GLU A 447 -31.68 -12.76 -31.06
CA GLU A 447 -32.17 -12.11 -29.86
C GLU A 447 -32.93 -13.13 -29.01
N ILE A 448 -32.30 -13.54 -27.90
CA ILE A 448 -32.82 -14.59 -27.05
C ILE A 448 -33.21 -13.97 -25.71
N THR A 449 -34.23 -14.53 -25.07
CA THR A 449 -34.63 -14.04 -23.76
C THR A 449 -33.59 -14.42 -22.73
N PHE A 450 -33.53 -13.65 -21.64
CA PHE A 450 -32.60 -13.95 -20.56
C PHE A 450 -32.87 -15.32 -19.96
N LEU A 451 -34.16 -15.64 -19.77
CA LEU A 451 -34.53 -16.93 -19.22
C LEU A 451 -34.01 -18.07 -20.09
N GLU A 452 -34.20 -17.96 -21.41
CA GLU A 452 -33.77 -19.03 -22.31
C GLU A 452 -32.25 -19.11 -22.38
N TYR A 453 -31.56 -17.97 -22.35
CA TYR A 453 -30.10 -18.00 -22.36
C TYR A 453 -29.56 -18.70 -21.12
N TYR A 454 -30.08 -18.33 -19.95
CA TYR A 454 -29.66 -19.00 -18.71
C TYR A 454 -29.98 -20.48 -18.75
N SER A 455 -31.18 -20.84 -19.23
CA SER A 455 -31.55 -22.24 -19.29
C SER A 455 -30.64 -23.03 -20.23
N LYS A 456 -30.28 -22.43 -21.37
CA LYS A 456 -29.46 -23.14 -22.35
C LYS A 456 -28.03 -23.31 -21.84
N ASN A 457 -27.43 -22.24 -21.30
CA ASN A 457 -26.03 -22.33 -20.89
C ASN A 457 -25.88 -23.12 -19.60
N TYR A 458 -26.75 -22.88 -18.61
CA TYR A 458 -26.59 -23.44 -17.27
C TYR A 458 -27.78 -24.26 -16.80
N GLY A 459 -28.92 -24.22 -17.48
CA GLY A 459 -30.06 -25.02 -17.08
C GLY A 459 -30.62 -24.67 -15.71
N ILE A 460 -30.81 -23.37 -15.45
CA ILE A 460 -31.43 -22.90 -14.22
C ILE A 460 -32.62 -22.03 -14.60
N THR A 461 -33.68 -22.13 -13.80
CA THR A 461 -34.94 -21.45 -14.06
C THR A 461 -35.09 -20.28 -13.10
N VAL A 462 -35.48 -19.13 -13.64
CA VAL A 462 -35.80 -17.96 -12.82
C VAL A 462 -37.28 -18.05 -12.46
N LYS A 463 -37.56 -18.19 -11.16
CA LYS A 463 -38.90 -18.61 -10.74
C LYS A 463 -39.92 -17.50 -10.92
N GLU A 464 -39.72 -16.37 -10.24
CA GLU A 464 -40.67 -15.26 -10.25
C GLU A 464 -40.14 -14.17 -11.17
N ASP A 465 -40.95 -13.76 -12.15
CA ASP A 465 -40.53 -12.82 -13.17
C ASP A 465 -41.30 -11.51 -12.99
N ASP A 466 -40.84 -10.70 -12.04
CA ASP A 466 -41.17 -9.27 -12.00
C ASP A 466 -39.98 -8.45 -11.50
N GLN A 467 -38.79 -9.05 -11.48
CA GLN A 467 -37.69 -8.54 -10.69
C GLN A 467 -36.94 -7.42 -11.41
N PRO A 468 -36.11 -6.66 -10.69
CA PRO A 468 -35.17 -5.77 -11.37
C PRO A 468 -34.05 -6.55 -12.03
N LEU A 469 -33.27 -5.84 -12.83
CA LEU A 469 -32.01 -6.36 -13.36
C LEU A 469 -30.88 -5.45 -12.91
N LEU A 470 -29.74 -6.07 -12.58
CA LEU A 470 -28.59 -5.36 -12.05
C LEU A 470 -27.63 -5.07 -13.20
N ILE A 471 -27.33 -3.79 -13.43
CA ILE A 471 -26.58 -3.36 -14.60
C ILE A 471 -25.14 -3.09 -14.18
N HIS A 472 -24.22 -3.85 -14.76
CA HIS A 472 -22.79 -3.57 -14.77
C HIS A 472 -22.45 -3.28 -16.23
N ARG A 473 -22.43 -2.00 -16.59
CA ARG A 473 -22.49 -1.68 -18.01
C ARG A 473 -21.17 -2.00 -18.75
N PRO A 474 -20.03 -1.23 -18.61
CA PRO A 474 -18.75 -1.80 -19.05
C PRO A 474 -17.87 -2.27 -17.91
N SER A 475 -16.79 -2.96 -18.28
CA SER A 475 -15.53 -2.89 -17.53
C SER A 475 -14.68 -1.87 -18.29
N GLU A 476 -14.58 -0.65 -17.73
CA GLU A 476 -14.16 0.49 -18.52
C GLU A 476 -12.76 0.31 -19.10
N ARG A 477 -11.82 -0.17 -18.29
CA ARG A 477 -10.43 -0.22 -18.75
C ARG A 477 -10.24 -1.32 -19.79
N GLN A 478 -10.45 -2.58 -19.41
CA GLN A 478 -10.34 -3.72 -20.31
C GLN A 478 -9.02 -3.68 -21.09
N ASN A 479 -7.92 -3.78 -20.34
CA ASN A 479 -6.57 -3.70 -20.90
C ASN A 479 -6.39 -2.30 -21.47
N ASN A 480 -6.15 -2.13 -22.77
CA ASN A 480 -5.92 -0.79 -23.31
C ASN A 480 -7.16 0.09 -23.17
N HIS A 481 -8.31 -0.38 -23.65
CA HIS A 481 -9.53 0.43 -23.61
C HIS A 481 -10.75 -0.48 -23.76
N GLY A 482 -11.90 0.12 -24.02
CA GLY A 482 -13.15 -0.60 -24.14
C GLY A 482 -13.44 -1.08 -25.55
N MET A 483 -12.52 -1.84 -26.14
CA MET A 483 -12.80 -2.48 -27.42
C MET A 483 -14.15 -3.18 -27.40
N LEU A 484 -14.48 -3.84 -26.30
CA LEU A 484 -15.83 -4.34 -26.04
C LEU A 484 -16.62 -3.26 -25.31
N LEU A 485 -16.83 -2.15 -26.02
CA LEU A 485 -17.43 -0.96 -25.41
C LEU A 485 -18.86 -1.24 -24.96
N LYS A 486 -19.61 -2.02 -25.76
CA LYS A 486 -21.04 -2.22 -25.49
C LYS A 486 -21.29 -2.73 -24.08
N GLY A 487 -20.61 -3.82 -23.71
CA GLY A 487 -20.77 -4.37 -22.37
C GLY A 487 -22.21 -4.65 -22.01
N GLU A 488 -22.76 -3.84 -21.11
CA GLU A 488 -24.16 -3.90 -20.71
C GLU A 488 -24.50 -5.29 -20.16
N ILE A 489 -23.90 -5.62 -19.01
CA ILE A 489 -24.23 -6.87 -18.34
C ILE A 489 -25.45 -6.65 -17.45
N LEU A 490 -26.48 -7.49 -17.64
CA LEU A 490 -27.72 -7.42 -16.87
C LEU A 490 -27.81 -8.71 -16.05
N LEU A 491 -27.19 -8.68 -14.88
CA LEU A 491 -27.21 -9.84 -14.00
C LEU A 491 -28.56 -9.96 -13.31
N LEU A 492 -29.00 -11.21 -13.13
CA LEU A 492 -30.22 -11.46 -12.38
C LEU A 492 -29.96 -11.25 -10.90
N PRO A 493 -30.93 -10.75 -10.14
CA PRO A 493 -30.75 -10.66 -8.68
C PRO A 493 -30.97 -11.97 -7.95
N GLU A 494 -31.65 -12.93 -8.58
CA GLU A 494 -31.97 -14.18 -7.88
C GLU A 494 -30.75 -15.08 -7.77
N LEU A 495 -29.80 -14.96 -8.70
CA LEU A 495 -28.63 -15.85 -8.76
C LEU A 495 -27.34 -15.13 -8.35
N SER A 496 -27.45 -14.01 -7.65
CA SER A 496 -26.30 -13.24 -7.19
C SER A 496 -26.27 -13.19 -5.67
N PHE A 497 -25.06 -13.11 -5.12
CA PHE A 497 -24.86 -13.06 -3.68
C PHE A 497 -23.86 -11.97 -3.35
N MET A 498 -24.23 -11.07 -2.45
CA MET A 498 -23.38 -9.92 -2.16
C MET A 498 -22.15 -10.33 -1.36
N THR A 499 -21.04 -9.68 -1.64
CA THR A 499 -19.74 -9.98 -1.04
C THR A 499 -19.32 -8.82 -0.15
N GLY A 500 -18.90 -9.12 1.07
CA GLY A 500 -18.40 -8.13 1.98
C GLY A 500 -18.91 -8.36 3.38
N ILE A 501 -18.41 -7.54 4.30
CA ILE A 501 -18.87 -7.56 5.69
C ILE A 501 -20.10 -6.68 5.78
N PRO A 502 -21.24 -7.16 6.28
CA PRO A 502 -22.43 -6.30 6.34
C PRO A 502 -22.20 -5.05 7.19
N GLU A 503 -22.74 -3.93 6.72
CA GLU A 503 -22.60 -2.66 7.43
C GLU A 503 -23.24 -2.72 8.82
N LYS A 504 -24.41 -3.36 8.92
CA LYS A 504 -25.03 -3.52 10.24
C LYS A 504 -24.14 -4.38 11.13
N MET A 505 -23.54 -5.43 10.57
CA MET A 505 -22.48 -6.15 11.27
C MET A 505 -21.29 -5.25 11.55
N LYS A 506 -20.94 -4.37 10.60
CA LYS A 506 -19.78 -3.52 10.78
C LYS A 506 -19.93 -2.63 12.01
N LYS A 507 -21.12 -2.07 12.21
CA LYS A 507 -21.34 -1.22 13.38
C LYS A 507 -21.37 -2.04 14.66
N ASP A 508 -21.85 -3.28 14.59
CA ASP A 508 -21.96 -4.12 15.78
C ASP A 508 -20.59 -4.67 16.17
N PHE A 509 -20.17 -4.39 17.41
CA PHE A 509 -18.82 -4.75 17.84
C PHE A 509 -18.66 -6.26 18.05
N ARG A 510 -19.64 -6.88 18.71
CA ARG A 510 -19.50 -8.29 19.09
C ARG A 510 -19.35 -9.18 17.86
N ALA A 511 -20.13 -8.92 16.80
CA ALA A 511 -19.99 -9.69 15.58
C ALA A 511 -18.62 -9.48 14.94
N MET A 512 -18.13 -8.24 14.95
CA MET A 512 -16.83 -7.96 14.35
C MET A 512 -15.70 -8.65 15.10
N LYS A 513 -15.88 -8.88 16.40
CA LYS A 513 -14.78 -9.45 17.20
C LYS A 513 -14.39 -10.84 16.68
N ASP A 514 -15.36 -11.72 16.48
CA ASP A 514 -15.04 -13.08 16.04
C ASP A 514 -14.41 -13.09 14.66
N LEU A 515 -14.96 -12.28 13.74
CA LEU A 515 -14.37 -12.22 12.40
C LEU A 515 -12.95 -11.68 12.47
N THR A 516 -12.69 -10.72 13.37
CA THR A 516 -11.33 -10.22 13.54
C THR A 516 -10.41 -11.32 14.05
N GLN A 517 -10.91 -12.17 14.95
CA GLN A 517 -10.13 -13.33 15.37
C GLN A 517 -9.81 -14.23 14.18
N GLN A 518 -10.78 -14.42 13.28
CA GLN A 518 -10.52 -15.22 12.08
C GLN A 518 -9.44 -14.60 11.21
N ILE A 519 -9.58 -13.32 10.87
CA ILE A 519 -8.67 -12.71 9.90
C ILE A 519 -7.25 -12.63 10.44
N ASN A 520 -7.08 -12.13 11.66
CA ASN A 520 -5.76 -11.93 12.23
C ASN A 520 -5.15 -13.27 12.60
N LEU A 521 -3.91 -13.51 12.18
CA LEU A 521 -3.21 -14.75 12.41
C LEU A 521 -1.83 -14.46 12.97
N SER A 522 -1.45 -15.22 14.01
CA SER A 522 -0.10 -15.20 14.51
C SER A 522 0.81 -15.89 13.51
N PRO A 523 2.13 -15.68 13.59
CA PRO A 523 3.03 -16.37 12.65
C PRO A 523 2.92 -17.88 12.69
N LYS A 524 2.61 -18.46 13.85
CA LYS A 524 2.44 -19.91 13.94
C LYS A 524 1.30 -20.39 13.03
N GLN A 525 0.16 -19.69 13.07
CA GLN A 525 -0.97 -20.11 12.26
C GLN A 525 -0.71 -19.88 10.78
N HIS A 526 -0.01 -18.80 10.44
CA HIS A 526 0.38 -18.57 9.05
C HIS A 526 1.25 -19.70 8.54
N HIS A 527 2.26 -20.09 9.33
CA HIS A 527 3.15 -21.17 8.93
C HIS A 527 2.38 -22.49 8.83
N GLY A 528 1.44 -22.72 9.75
CA GLY A 528 0.62 -23.92 9.67
C GLY A 528 -0.23 -23.96 8.41
N ALA A 529 -0.79 -22.82 8.01
CA ALA A 529 -1.57 -22.77 6.78
C ALA A 529 -0.70 -23.08 5.57
N LEU A 530 0.51 -22.53 5.53
CA LEU A 530 1.42 -22.84 4.43
C LEU A 530 1.77 -24.32 4.40
N GLU A 531 2.02 -24.91 5.57
CA GLU A 531 2.28 -26.35 5.65
C GLU A 531 1.10 -27.15 5.13
N CYS A 532 -0.12 -26.74 5.48
CA CYS A 532 -1.30 -27.46 5.01
C CYS A 532 -1.43 -27.37 3.50
N LEU A 533 -1.14 -26.19 2.91
CA LEU A 533 -1.18 -26.07 1.47
C LEU A 533 -0.16 -26.99 0.81
N LEU A 534 1.06 -27.02 1.36
CA LEU A 534 2.09 -27.89 0.79
C LEU A 534 1.69 -29.36 0.89
N GLN A 535 1.13 -29.77 2.02
CA GLN A 535 0.70 -31.16 2.17
C GLN A 535 -0.43 -31.49 1.20
N ARG A 536 -1.35 -30.55 0.99
CA ARG A 536 -2.43 -30.78 0.02
C ARG A 536 -1.87 -30.96 -1.38
N ILE A 537 -0.91 -30.12 -1.77
CA ILE A 537 -0.32 -30.25 -3.11
C ILE A 537 0.39 -31.59 -3.23
N SER A 538 1.15 -31.99 -2.20
CA SER A 538 1.90 -33.23 -2.27
C SER A 538 0.97 -34.44 -2.34
N GLN A 539 -0.13 -34.43 -1.59
CA GLN A 539 -1.00 -35.59 -1.53
C GLN A 539 -1.64 -35.90 -2.88
N ASN A 540 -2.12 -34.87 -3.59
CA ASN A 540 -2.79 -35.08 -4.87
C ASN A 540 -1.73 -35.40 -5.93
N GLU A 541 -1.74 -36.63 -6.43
CA GLU A 541 -0.69 -37.07 -7.35
C GLU A 541 -0.77 -36.32 -8.67
N THR A 542 -1.97 -36.02 -9.15
CA THR A 542 -2.10 -35.38 -10.46
C THR A 542 -1.49 -33.98 -10.44
N ALA A 543 -1.66 -33.23 -9.36
CA ALA A 543 -1.04 -31.92 -9.24
C ALA A 543 0.48 -32.02 -9.26
N SER A 544 1.03 -32.99 -8.54
CA SER A 544 2.47 -33.19 -8.53
C SER A 544 2.99 -33.54 -9.93
N ASN A 545 2.25 -34.38 -10.65
CA ASN A 545 2.63 -34.70 -12.02
C ASN A 545 2.57 -33.46 -12.91
N GLU A 546 1.55 -32.63 -12.72
CA GLU A 546 1.44 -31.40 -13.50
C GLU A 546 2.63 -30.49 -13.25
N LEU A 547 3.08 -30.40 -12.00
CA LEU A 547 4.26 -29.59 -11.71
C LEU A 547 5.53 -30.22 -12.28
N THR A 548 5.69 -31.53 -12.16
CA THR A 548 6.94 -32.18 -12.53
C THR A 548 7.06 -32.44 -14.03
N ARG A 549 5.99 -32.24 -14.80
CA ARG A 549 6.13 -32.35 -16.26
C ARG A 549 7.16 -31.38 -16.79
N TRP A 550 7.31 -30.22 -16.17
CA TRP A 550 8.28 -29.21 -16.57
C TRP A 550 9.60 -29.30 -15.81
N GLY A 551 9.76 -30.31 -14.93
CA GLY A 551 10.97 -30.49 -14.17
C GLY A 551 11.00 -29.79 -12.83
N LEU A 552 9.95 -29.07 -12.45
CA LEU A 552 9.92 -28.38 -11.17
C LEU A 552 9.55 -29.34 -10.05
N SER A 553 9.94 -28.98 -8.83
CA SER A 553 9.63 -29.80 -7.66
C SER A 553 9.79 -28.94 -6.42
N LEU A 554 8.71 -28.73 -5.68
CA LEU A 554 8.75 -27.91 -4.47
C LEU A 554 9.48 -28.65 -3.35
N HIS A 555 9.91 -27.88 -2.35
CA HIS A 555 10.47 -28.44 -1.12
C HIS A 555 9.35 -28.73 -0.13
N LYS A 556 9.70 -29.37 0.98
CA LYS A 556 8.74 -29.81 1.97
C LYS A 556 8.50 -28.80 3.09
N ASP A 557 9.18 -27.65 3.07
CA ASP A 557 9.00 -26.67 4.12
C ASP A 557 9.44 -25.31 3.60
N VAL A 558 9.00 -24.26 4.29
CA VAL A 558 9.32 -22.90 3.88
C VAL A 558 10.82 -22.66 4.03
N HIS A 559 11.37 -21.81 3.17
CA HIS A 559 12.80 -21.56 3.15
C HIS A 559 13.23 -20.81 4.40
N LYS A 560 14.32 -21.25 5.02
CA LYS A 560 14.85 -20.66 6.23
C LYS A 560 16.09 -19.85 5.90
N ILE A 561 16.12 -18.60 6.36
CA ILE A 561 17.13 -17.62 5.98
C ILE A 561 17.84 -17.15 7.26
N GLU A 562 18.95 -16.43 7.05
CA GLU A 562 19.70 -15.82 8.13
C GLU A 562 19.88 -14.33 7.85
N GLY A 563 19.28 -13.50 8.71
CA GLY A 563 19.52 -12.08 8.69
C GLY A 563 20.43 -11.66 9.84
N ARG A 564 20.40 -10.36 10.15
CA ARG A 564 21.19 -9.86 11.27
C ARG A 564 20.49 -8.65 11.89
N LEU A 565 20.85 -8.39 13.14
CA LEU A 565 20.22 -7.35 13.95
C LEU A 565 21.18 -6.18 14.10
N LEU A 566 20.78 -5.02 13.59
CA LEU A 566 21.68 -3.88 13.58
C LEU A 566 21.89 -3.35 15.01
N PRO A 567 23.04 -2.75 15.30
CA PRO A 567 23.25 -2.23 16.66
C PRO A 567 22.29 -1.10 16.99
N MET A 568 21.99 -0.99 18.29
CA MET A 568 21.04 0.00 18.78
C MET A 568 21.65 1.40 18.76
N GLU A 569 20.81 2.39 18.48
CA GLU A 569 21.23 3.78 18.39
C GLU A 569 21.17 4.45 19.77
N ARG A 570 21.77 5.64 19.85
CA ARG A 570 21.80 6.45 21.06
C ARG A 570 21.05 7.74 20.80
N ILE A 571 20.13 8.08 21.70
CA ILE A 571 19.29 9.27 21.57
C ILE A 571 19.80 10.32 22.53
N ASN A 572 19.91 11.55 22.04
CA ASN A 572 20.51 12.66 22.77
C ASN A 572 19.46 13.73 23.05
N LEU A 573 19.35 14.14 24.30
CA LEU A 573 18.59 15.32 24.70
C LEU A 573 19.55 16.31 25.35
N ARG A 574 19.10 17.54 25.50
CA ARG A 574 19.95 18.58 26.09
C ARG A 574 20.40 18.15 27.48
N ASN A 575 21.71 17.95 27.62
CA ASN A 575 22.39 17.58 28.87
C ASN A 575 22.20 16.12 29.24
N THR A 576 21.81 15.24 28.30
CA THR A 576 21.68 13.83 28.64
C THR A 576 21.64 13.00 27.37
N SER A 577 21.92 11.71 27.54
CA SER A 577 21.91 10.75 26.44
C SER A 577 21.53 9.39 26.98
N PHE A 578 20.83 8.61 26.16
CA PHE A 578 20.42 7.27 26.57
C PHE A 578 20.40 6.34 25.36
N VAL A 579 20.81 5.10 25.60
CA VAL A 579 20.79 4.08 24.56
C VAL A 579 19.38 3.50 24.48
N THR A 580 18.86 3.38 23.26
CA THR A 580 17.49 2.93 23.06
C THR A 580 17.32 1.52 23.60
N SER A 581 16.14 1.24 24.16
CA SER A 581 15.86 -0.02 24.81
C SER A 581 15.59 -1.11 23.77
N GLU A 582 15.33 -2.33 24.24
CA GLU A 582 15.15 -3.45 23.34
C GLU A 582 13.92 -3.29 22.47
N ASP A 583 12.83 -2.76 23.02
CA ASP A 583 11.58 -2.64 22.28
C ASP A 583 11.51 -1.38 21.42
N LEU A 584 12.53 -0.54 21.45
CA LEU A 584 12.60 0.68 20.63
C LEU A 584 11.41 1.59 20.92
N ASN A 585 11.36 2.08 22.16
CA ASN A 585 10.38 3.07 22.58
C ASN A 585 10.96 3.84 23.75
N TRP A 586 10.86 5.17 23.69
CA TRP A 586 11.44 6.05 24.68
C TRP A 586 10.47 7.16 25.06
N VAL A 587 9.21 6.80 25.28
CA VAL A 587 8.18 7.80 25.55
C VAL A 587 8.42 8.48 26.89
N LYS A 588 8.91 7.74 27.89
CA LYS A 588 9.03 8.29 29.23
C LYS A 588 10.15 9.33 29.32
N GLU A 589 11.30 9.06 28.69
CA GLU A 589 12.45 9.93 28.86
C GLU A 589 12.23 11.30 28.22
N VAL A 590 11.53 11.35 27.09
CA VAL A 590 11.32 12.62 26.40
C VAL A 590 10.51 13.57 27.27
N THR A 591 9.49 13.05 27.94
CA THR A 591 8.63 13.86 28.80
C THR A 591 9.20 14.07 30.20
N ARG A 592 10.37 13.48 30.50
CA ARG A 592 10.98 13.57 31.82
C ARG A 592 12.27 14.38 31.84
N ASP A 593 12.76 14.83 30.68
CA ASP A 593 14.00 15.60 30.60
C ASP A 593 13.86 16.68 29.55
N ALA A 594 14.69 17.71 29.68
CA ALA A 594 14.60 18.86 28.79
C ALA A 594 14.97 18.49 27.36
N SER A 595 14.31 19.14 26.41
CA SER A 595 14.56 18.91 24.99
C SER A 595 15.75 19.74 24.53
N ILE A 596 16.16 19.52 23.28
CA ILE A 596 17.31 20.22 22.73
C ILE A 596 17.05 21.71 22.68
N LEU A 597 15.89 22.10 22.16
CA LEU A 597 15.54 23.51 22.00
C LEU A 597 14.06 23.70 22.29
N THR A 598 13.75 24.62 23.21
CA THR A 598 12.39 24.92 23.62
C THR A 598 12.09 26.39 23.38
N ILE A 599 10.93 26.67 22.82
CA ILE A 599 10.48 28.01 22.47
C ILE A 599 9.44 28.44 23.50
N PRO A 600 9.69 29.47 24.31
CA PRO A 600 8.71 29.85 25.34
C PRO A 600 7.49 30.55 24.73
N MET A 601 6.30 30.11 25.15
CA MET A 601 5.06 30.78 24.80
C MET A 601 4.71 31.80 25.88
N HIS A 602 4.53 33.06 25.49
CA HIS A 602 4.04 34.10 26.37
C HIS A 602 2.79 34.79 25.88
N PHE A 603 2.42 34.63 24.60
CA PHE A 603 1.24 35.25 24.03
C PHE A 603 0.57 34.22 23.12
N TRP A 604 -0.44 33.54 23.65
CA TRP A 604 -1.23 32.59 22.87
C TRP A 604 -2.67 32.64 23.36
N ALA A 605 -3.58 32.23 22.48
CA ALA A 605 -5.00 32.31 22.71
C ALA A 605 -5.63 30.93 22.72
N LEU A 606 -6.64 30.76 23.57
CA LEU A 606 -7.39 29.52 23.69
C LEU A 606 -8.85 29.81 23.39
N PHE A 607 -9.33 29.30 22.26
CA PHE A 607 -10.71 29.47 21.83
C PHE A 607 -11.48 28.23 22.26
N TYR A 608 -12.58 28.44 22.99
CA TYR A 608 -13.36 27.34 23.54
C TYR A 608 -14.84 27.68 23.52
N PRO A 609 -15.72 26.73 23.20
CA PRO A 609 -17.15 26.99 23.32
C PRO A 609 -17.60 26.96 24.78
N LYS A 610 -18.80 27.50 25.01
CA LYS A 610 -19.28 27.67 26.38
C LYS A 610 -19.46 26.32 27.08
N ARG A 611 -20.06 25.35 26.41
CA ARG A 611 -20.36 24.08 27.05
C ARG A 611 -19.10 23.33 27.48
N ALA A 612 -17.97 23.58 26.83
CA ALA A 612 -16.70 22.95 27.17
C ALA A 612 -15.87 23.79 28.14
N MET A 613 -16.45 24.87 28.68
CA MET A 613 -15.69 25.88 29.41
C MET A 613 -14.82 25.24 30.50
N ASP A 614 -15.47 24.60 31.47
CA ASP A 614 -14.71 23.97 32.55
C ASP A 614 -13.74 22.94 32.01
N GLN A 615 -14.16 22.16 31.00
CA GLN A 615 -13.29 21.14 30.45
C GLN A 615 -12.03 21.74 29.86
N ALA A 616 -12.09 22.99 29.39
CA ALA A 616 -10.88 23.63 28.89
C ALA A 616 -9.94 24.00 30.02
N ARG A 617 -10.49 24.48 31.14
CA ARG A 617 -9.66 25.08 32.19
C ARG A 617 -8.61 24.10 32.68
N GLU A 618 -9.03 22.88 33.03
CA GLU A 618 -8.10 21.88 33.54
C GLU A 618 -6.95 21.65 32.57
N LEU A 619 -7.24 21.63 31.27
CA LEU A 619 -6.18 21.44 30.28
C LEU A 619 -5.08 22.47 30.47
N VAL A 620 -5.46 23.75 30.54
CA VAL A 620 -4.47 24.79 30.77
C VAL A 620 -3.75 24.53 32.08
N ASN A 621 -4.50 24.19 33.13
CA ASN A 621 -3.87 23.87 34.40
C ASN A 621 -2.92 22.70 34.24
N MET A 622 -3.35 21.67 33.51
CA MET A 622 -2.48 20.51 33.31
C MET A 622 -1.25 20.88 32.50
N LEU A 623 -1.39 21.88 31.61
CA LEU A 623 -0.23 22.33 30.85
C LEU A 623 0.73 23.16 31.69
N GLU A 624 0.33 23.59 32.88
CA GLU A 624 1.21 24.35 33.76
C GLU A 624 1.98 23.47 34.75
N LYS A 625 1.62 22.19 34.87
CA LYS A 625 2.31 21.27 35.77
C LYS A 625 3.35 20.40 35.06
N ILE A 626 3.29 20.30 33.73
CA ILE A 626 4.18 19.43 32.98
C ILE A 626 5.23 20.20 32.18
N ALA A 627 5.09 21.52 32.03
CA ALA A 627 6.05 22.31 31.28
C ALA A 627 7.39 22.43 32.00
N GLY A 628 7.45 22.09 33.29
CA GLY A 628 8.67 22.19 34.04
C GLY A 628 9.71 21.17 33.62
N PRO A 629 9.37 19.88 33.75
CA PRO A 629 10.34 18.84 33.37
C PRO A 629 10.83 18.93 31.94
N ILE A 630 9.98 19.34 31.00
CA ILE A 630 10.40 19.46 29.60
C ILE A 630 11.24 20.71 29.37
N GLY A 631 11.27 21.64 30.32
CA GLY A 631 12.03 22.86 30.17
C GLY A 631 11.34 23.95 29.40
N MET A 632 10.12 23.71 28.92
CA MET A 632 9.37 24.71 28.19
C MET A 632 8.68 25.66 29.16
N ARG A 633 8.64 26.93 28.82
CA ARG A 633 8.06 27.97 29.68
C ARG A 633 6.75 28.44 29.07
N ILE A 634 5.68 28.36 29.86
CA ILE A 634 4.33 28.68 29.43
C ILE A 634 3.76 29.74 30.36
N SER A 635 3.01 30.69 29.77
CA SER A 635 2.23 31.66 30.52
C SER A 635 0.74 31.39 30.32
N PRO A 636 -0.13 31.87 31.20
CA PRO A 636 -1.57 31.63 31.02
C PRO A 636 -2.06 32.20 29.70
N PRO A 637 -3.02 31.56 29.04
CA PRO A 637 -3.45 32.01 27.72
C PRO A 637 -4.44 33.18 27.83
N ALA A 638 -4.86 33.66 26.67
CA ALA A 638 -6.00 34.56 26.55
C ALA A 638 -7.22 33.69 26.27
N TRP A 639 -8.15 33.65 27.24
CA TRP A 639 -9.33 32.83 27.12
C TRP A 639 -10.34 33.52 26.22
N VAL A 640 -10.95 32.77 25.30
CA VAL A 640 -11.92 33.29 24.36
C VAL A 640 -13.12 32.35 24.34
N GLU A 641 -14.23 32.79 24.92
CA GLU A 641 -15.47 32.03 24.95
C GLU A 641 -16.36 32.44 23.80
N LEU A 642 -16.92 31.47 23.10
CA LEU A 642 -17.68 31.71 21.88
C LEU A 642 -19.17 31.79 22.19
N LYS A 643 -19.84 32.74 21.53
CA LYS A 643 -21.28 32.89 21.72
C LYS A 643 -22.04 31.66 21.23
N ASP A 644 -21.65 31.13 20.08
CA ASP A 644 -22.28 29.95 19.51
C ASP A 644 -21.22 29.12 18.78
N ASP A 645 -21.64 27.95 18.31
CA ASP A 645 -20.71 26.96 17.76
C ASP A 645 -20.70 26.94 16.23
N ARG A 646 -21.31 27.94 15.59
CA ARG A 646 -21.21 28.01 14.13
C ARG A 646 -19.77 28.30 13.72
N ILE A 647 -19.39 27.75 12.56
CA ILE A 647 -18.02 27.93 12.09
C ILE A 647 -17.73 29.40 11.84
N GLU A 648 -18.75 30.15 11.41
CA GLU A 648 -18.58 31.58 11.18
C GLU A 648 -18.08 32.31 12.42
N THR A 649 -18.63 31.95 13.58
CA THR A 649 -18.19 32.57 14.83
C THR A 649 -16.73 32.24 15.15
N TYR A 650 -16.36 30.96 14.99
CA TYR A 650 -14.97 30.56 15.20
C TYR A 650 -14.03 31.39 14.33
N ILE A 651 -14.32 31.44 13.03
CA ILE A 651 -13.42 32.13 12.11
C ILE A 651 -13.36 33.62 12.41
N ARG A 652 -14.51 34.23 12.71
CA ARG A 652 -14.50 35.67 13.02
C ARG A 652 -13.68 35.95 14.27
N THR A 653 -13.84 35.15 15.33
CA THR A 653 -13.14 35.44 16.56
C THR A 653 -11.63 35.25 16.39
N ILE A 654 -11.23 34.16 15.71
CA ILE A 654 -9.81 33.92 15.48
C ILE A 654 -9.22 35.04 14.63
N GLN A 655 -9.93 35.43 13.57
CA GLN A 655 -9.43 36.52 12.72
C GLN A 655 -9.32 37.81 13.50
N SER A 656 -10.27 38.09 14.38
CA SER A 656 -10.24 39.34 15.13
C SER A 656 -9.00 39.40 16.02
N LEU A 657 -8.78 38.35 16.83
CA LEU A 657 -7.59 38.40 17.69
C LEU A 657 -6.30 38.40 16.88
N LEU A 658 -6.24 37.60 15.81
CA LEU A 658 -5.03 37.57 14.99
C LEU A 658 -4.73 38.95 14.40
N GLY A 659 -5.76 39.63 13.90
CA GLY A 659 -5.54 40.94 13.31
C GLY A 659 -5.15 41.98 14.34
N VAL A 660 -5.78 41.96 15.51
CA VAL A 660 -5.58 43.03 16.48
C VAL A 660 -4.26 42.82 17.24
N GLU A 661 -4.11 41.67 17.91
CA GLU A 661 -3.01 41.53 18.86
C GLU A 661 -1.65 41.56 18.15
N GLY A 662 -1.48 40.75 17.11
CA GLY A 662 -0.25 40.74 16.34
C GLY A 662 0.93 40.08 17.02
N LYS A 663 0.78 39.59 18.24
CA LYS A 663 1.85 38.93 18.98
C LYS A 663 1.54 37.47 19.29
N ILE A 664 0.39 36.95 18.84
CA ILE A 664 0.02 35.59 19.19
C ILE A 664 0.99 34.61 18.55
N GLN A 665 1.57 33.75 19.37
CA GLN A 665 2.51 32.73 18.91
C GLN A 665 1.83 31.40 18.58
N MET A 666 0.57 31.22 18.98
CA MET A 666 -0.14 29.99 18.67
C MET A 666 -1.61 30.17 19.06
N VAL A 667 -2.50 29.54 18.29
CA VAL A 667 -3.93 29.55 18.54
C VAL A 667 -4.37 28.12 18.82
N VAL A 668 -4.96 27.89 19.99
CA VAL A 668 -5.44 26.56 20.38
C VAL A 668 -6.96 26.60 20.39
N CYS A 669 -7.57 25.83 19.48
CA CYS A 669 -9.02 25.81 19.31
C CYS A 669 -9.57 24.47 19.79
N ILE A 670 -10.58 24.52 20.64
CA ILE A 670 -11.24 23.32 21.15
C ILE A 670 -12.54 23.13 20.39
N ILE A 671 -12.65 22.02 19.67
CA ILE A 671 -13.84 21.69 18.90
C ILE A 671 -14.77 20.85 19.77
N MET A 672 -16.05 21.23 19.79
CA MET A 672 -17.03 20.51 20.60
C MET A 672 -17.53 19.26 19.89
N GLY A 673 -18.16 19.43 18.73
CA GLY A 673 -18.74 18.32 17.98
C GLY A 673 -17.79 17.79 16.93
N THR A 674 -17.91 16.48 16.67
CA THR A 674 -17.04 15.82 15.69
C THR A 674 -17.48 16.17 14.27
N ARG A 675 -17.01 17.31 13.76
CA ARG A 675 -17.32 17.74 12.41
C ARG A 675 -16.05 18.27 11.74
N ASP A 676 -15.86 17.88 10.49
CA ASP A 676 -14.61 18.16 9.78
C ASP A 676 -14.61 19.49 9.06
N ASP A 677 -15.79 20.05 8.74
CA ASP A 677 -15.83 21.32 8.04
C ASP A 677 -15.20 22.43 8.88
N LEU A 678 -15.49 22.45 10.19
CA LEU A 678 -14.90 23.46 11.06
C LEU A 678 -13.39 23.30 11.12
N TYR A 679 -12.90 22.06 11.20
CA TYR A 679 -11.46 21.84 11.21
C TYR A 679 -10.82 22.34 9.93
N GLY A 680 -11.43 22.05 8.79
CA GLY A 680 -10.91 22.54 7.53
C GLY A 680 -10.89 24.05 7.46
N ALA A 681 -11.95 24.70 7.93
CA ALA A 681 -11.99 26.16 7.94
C ALA A 681 -10.89 26.72 8.83
N ILE A 682 -10.70 26.13 10.02
CA ILE A 682 -9.69 26.62 10.94
C ILE A 682 -8.30 26.51 10.32
N LYS A 683 -8.01 25.35 9.72
CA LYS A 683 -6.69 25.16 9.13
C LYS A 683 -6.48 26.07 7.92
N LYS A 684 -7.51 26.25 7.10
CA LYS A 684 -7.39 27.17 5.97
C LYS A 684 -7.11 28.58 6.45
N LEU A 685 -7.73 28.99 7.56
CA LEU A 685 -7.47 30.32 8.10
C LEU A 685 -6.05 30.43 8.64
N CYS A 686 -5.60 29.44 9.40
CA CYS A 686 -4.38 29.55 10.18
C CYS A 686 -3.14 28.99 9.49
N CYS A 687 -3.25 28.52 8.24
CA CYS A 687 -2.09 28.03 7.50
C CYS A 687 -1.99 28.56 6.07
N VAL A 688 -3.00 29.25 5.56
CA VAL A 688 -3.00 29.73 4.18
C VAL A 688 -3.25 31.23 4.16
N GLN A 689 -4.34 31.67 4.81
CA GLN A 689 -4.76 33.07 4.73
C GLN A 689 -4.06 33.94 5.76
N SER A 690 -4.01 33.49 7.02
CA SER A 690 -3.35 34.20 8.12
C SER A 690 -2.35 33.25 8.75
N PRO A 691 -1.11 33.21 8.26
CA PRO A 691 -0.16 32.18 8.74
C PRO A 691 0.20 32.38 10.20
N VAL A 692 -0.11 31.39 11.02
CA VAL A 692 0.29 31.33 12.42
C VAL A 692 0.10 29.89 12.85
N PRO A 693 1.04 29.27 13.58
CA PRO A 693 0.83 27.86 13.97
C PRO A 693 -0.42 27.72 14.83
N SER A 694 -1.14 26.61 14.61
CA SER A 694 -2.42 26.39 15.26
C SER A 694 -2.51 24.94 15.73
N GLN A 695 -3.21 24.74 16.83
CA GLN A 695 -3.51 23.43 17.38
C GLN A 695 -5.03 23.30 17.52
N VAL A 696 -5.54 22.11 17.20
CA VAL A 696 -6.96 21.80 17.30
C VAL A 696 -7.11 20.60 18.21
N ILE A 697 -7.93 20.75 19.25
CA ILE A 697 -8.14 19.72 20.26
C ILE A 697 -9.61 19.34 20.27
N ASN A 698 -9.88 18.04 20.15
CA ASN A 698 -11.24 17.54 20.26
C ASN A 698 -11.60 17.39 21.74
N VAL A 699 -12.80 17.85 22.11
CA VAL A 699 -13.17 17.92 23.51
C VAL A 699 -13.27 16.53 24.15
N ARG A 700 -13.47 15.48 23.36
CA ARG A 700 -13.55 14.14 23.94
C ARG A 700 -12.20 13.70 24.48
N THR A 701 -11.11 14.08 23.82
CA THR A 701 -9.78 13.66 24.26
C THR A 701 -9.44 14.22 25.63
N ILE A 702 -9.80 15.47 25.89
CA ILE A 702 -9.60 16.09 27.19
C ILE A 702 -10.82 15.91 28.10
N GLY A 703 -11.76 15.03 27.71
CA GLY A 703 -12.99 14.89 28.47
C GLY A 703 -12.87 13.97 29.67
N GLN A 704 -11.91 13.03 29.66
CA GLN A 704 -11.76 12.05 30.71
C GLN A 704 -10.47 12.27 31.48
N PRO A 705 -10.48 12.28 32.81
CA PRO A 705 -9.21 12.25 33.55
C PRO A 705 -8.56 10.87 33.46
N THR A 706 -7.37 10.77 34.06
CA THR A 706 -6.55 9.56 34.05
C THR A 706 -5.87 9.33 32.71
N ARG A 707 -6.16 10.17 31.72
CA ARG A 707 -5.40 10.25 30.47
C ARG A 707 -5.01 11.68 30.13
N LEU A 708 -5.23 12.63 31.05
CA LEU A 708 -4.98 14.02 30.75
C LEU A 708 -3.49 14.35 30.77
N ARG A 709 -2.73 13.70 31.65
CA ARG A 709 -1.31 14.00 31.75
C ARG A 709 -0.55 13.58 30.48
N SER A 710 -0.79 12.35 30.01
CA SER A 710 -0.08 11.88 28.83
C SER A 710 -0.45 12.69 27.59
N VAL A 711 -1.75 12.92 27.38
CA VAL A 711 -2.16 13.69 26.21
C VAL A 711 -1.67 15.13 26.32
N ALA A 712 -1.64 15.68 27.53
CA ALA A 712 -1.11 17.03 27.72
C ALA A 712 0.36 17.09 27.34
N GLN A 713 1.15 16.12 27.77
CA GLN A 713 2.56 16.08 27.39
C GLN A 713 2.73 15.95 25.89
N LYS A 714 1.94 15.07 25.27
CA LYS A 714 2.04 14.88 23.82
C LYS A 714 1.67 16.15 23.08
N ILE A 715 0.60 16.82 23.49
CA ILE A 715 0.18 18.06 22.85
C ILE A 715 1.25 19.13 23.02
N LEU A 716 1.83 19.23 24.22
CA LEU A 716 2.85 20.26 24.45
C LEU A 716 4.07 20.02 23.58
N LEU A 717 4.49 18.76 23.43
CA LEU A 717 5.60 18.48 22.54
C LEU A 717 5.24 18.82 21.09
N GLN A 718 3.99 18.56 20.70
CA GLN A 718 3.57 18.91 19.35
C GLN A 718 3.61 20.41 19.12
N MET A 719 3.13 21.21 20.09
CA MET A 719 3.22 22.65 19.95
C MET A 719 4.67 23.14 19.93
N ASN A 720 5.53 22.55 20.76
CA ASN A 720 6.93 22.95 20.74
C ASN A 720 7.56 22.66 19.39
N CYS A 721 7.25 21.52 18.79
CA CYS A 721 7.74 21.23 17.44
C CYS A 721 7.18 22.22 16.42
N LYS A 722 5.89 22.56 16.54
CA LYS A 722 5.28 23.49 15.59
C LYS A 722 5.87 24.89 15.70
N LEU A 723 6.30 25.30 16.89
CA LEU A 723 6.85 26.64 17.09
C LEU A 723 8.28 26.79 16.57
N GLY A 724 8.99 25.67 16.36
CA GLY A 724 10.37 25.72 15.94
C GLY A 724 11.30 25.10 16.96
N GLY A 725 10.80 24.13 17.72
CA GLY A 725 11.58 23.44 18.72
C GLY A 725 12.25 22.20 18.17
N GLU A 726 13.12 21.61 18.99
CA GLU A 726 13.89 20.42 18.65
C GLU A 726 13.87 19.48 19.84
N LEU A 727 13.27 18.31 19.67
CA LEU A 727 13.06 17.41 20.80
C LEU A 727 14.31 16.60 21.11
N TRP A 728 14.74 15.76 20.17
CA TRP A 728 15.90 14.90 20.38
C TRP A 728 16.67 14.76 19.07
N GLY A 729 17.86 14.18 19.17
CA GLY A 729 18.71 13.99 18.01
C GLY A 729 19.42 12.65 18.09
N VAL A 730 20.04 12.28 16.98
CA VAL A 730 20.77 11.03 16.85
C VAL A 730 22.10 11.32 16.16
N ASP A 731 23.13 10.58 16.57
CA ASP A 731 24.46 10.77 15.99
C ASP A 731 24.43 10.47 14.49
N ILE A 732 25.15 11.27 13.73
CA ILE A 732 25.23 11.14 12.27
C ILE A 732 26.71 11.00 11.92
N PRO A 733 27.15 9.95 11.22
CA PRO A 733 28.58 9.80 10.94
C PRO A 733 29.06 10.44 9.64
N LEU A 734 28.15 10.83 8.75
CA LEU A 734 28.51 11.40 7.46
C LEU A 734 28.59 12.92 7.58
N LYS A 735 29.76 13.48 7.31
CA LYS A 735 29.98 14.91 7.42
C LYS A 735 29.43 15.64 6.20
N GLN A 736 28.94 16.85 6.43
CA GLN A 736 28.38 17.70 5.37
C GLN A 736 27.26 17.00 4.63
N LEU A 737 26.45 16.23 5.36
CA LEU A 737 25.38 15.44 4.76
C LEU A 737 24.09 16.26 4.70
N MET A 738 23.31 16.00 3.65
CA MET A 738 21.98 16.56 3.49
C MET A 738 21.02 15.43 3.14
N VAL A 739 19.86 15.41 3.77
CA VAL A 739 18.89 14.33 3.65
C VAL A 739 17.59 14.88 3.11
N ILE A 740 17.03 14.20 2.12
CA ILE A 740 15.82 14.62 1.42
C ILE A 740 14.80 13.48 1.49
N GLY A 741 13.53 13.85 1.50
CA GLY A 741 12.44 12.90 1.48
C GLY A 741 11.28 13.39 0.65
N MET A 742 10.81 12.55 -0.27
CA MET A 742 9.68 12.85 -1.13
C MET A 742 8.55 11.87 -0.83
N ASP A 743 7.31 12.33 -1.00
CA ASP A 743 6.17 11.43 -0.92
C ASP A 743 5.01 12.02 -1.71
N VAL A 744 4.01 11.18 -1.99
CA VAL A 744 2.90 11.52 -2.86
C VAL A 744 1.59 11.18 -2.17
N TYR A 745 0.54 11.91 -2.57
CA TYR A 745 -0.81 11.72 -2.04
C TYR A 745 -1.78 11.54 -3.19
N HIS A 746 -2.61 10.49 -3.10
CA HIS A 746 -3.64 10.19 -4.08
C HIS A 746 -5.02 10.39 -3.45
N ASP A 747 -5.88 11.10 -4.15
CA ASP A 747 -7.20 11.43 -3.61
C ASP A 747 -8.09 10.19 -3.64
N PRO A 748 -8.57 9.69 -2.50
CA PRO A 748 -9.53 8.57 -2.58
C PRO A 748 -10.84 8.94 -3.24
N SER A 749 -11.29 10.18 -3.05
CA SER A 749 -12.57 10.60 -3.64
C SER A 749 -12.52 10.58 -5.15
N ARG A 750 -11.40 11.06 -5.73
CA ARG A 750 -11.10 11.32 -7.14
C ARG A 750 -10.98 12.83 -7.32
N GLY A 751 -10.86 13.31 -8.56
CA GLY A 751 -10.32 14.61 -8.87
C GLY A 751 -8.91 14.55 -9.42
N MET A 752 -8.21 13.44 -9.18
CA MET A 752 -6.95 13.07 -9.83
C MET A 752 -5.90 14.17 -9.79
N ARG A 753 -5.92 15.05 -8.80
CA ARG A 753 -4.78 15.89 -8.50
C ARG A 753 -3.95 15.24 -7.40
N SER A 754 -2.73 14.83 -7.74
CA SER A 754 -1.84 14.17 -6.79
C SER A 754 -0.76 15.17 -6.39
N VAL A 755 -0.58 15.32 -5.08
CA VAL A 755 0.31 16.32 -4.51
C VAL A 755 1.57 15.60 -4.04
N VAL A 756 2.73 16.18 -4.35
CA VAL A 756 4.02 15.61 -3.92
C VAL A 756 4.66 16.57 -2.93
N GLY A 757 4.98 16.04 -1.74
CA GLY A 757 5.66 16.80 -0.71
C GLY A 757 7.13 16.46 -0.66
N PHE A 758 7.92 17.48 -0.27
CA PHE A 758 9.37 17.46 -0.34
C PHE A 758 9.89 18.06 0.96
N VAL A 759 10.76 17.34 1.67
CA VAL A 759 11.30 17.78 2.94
C VAL A 759 12.80 17.55 2.94
N ALA A 760 13.58 18.60 3.22
CA ALA A 760 15.04 18.53 3.14
C ALA A 760 15.67 19.14 4.38
N SER A 761 16.63 18.43 4.98
CA SER A 761 17.33 18.97 6.14
C SER A 761 18.22 20.13 5.72
N ILE A 762 18.34 21.12 6.60
CA ILE A 762 19.11 22.34 6.31
C ILE A 762 20.10 22.65 7.43
N ASN A 763 20.57 21.63 8.13
CA ASN A 763 21.63 21.80 9.11
C ASN A 763 22.39 20.49 9.27
N LEU A 764 23.40 20.51 10.12
CA LEU A 764 24.37 19.42 10.22
C LEU A 764 23.97 18.35 11.24
N THR A 765 22.87 18.53 11.97
CA THR A 765 22.38 17.54 12.92
C THR A 765 21.00 17.00 12.58
N LEU A 766 20.40 17.44 11.47
CA LEU A 766 19.09 16.95 11.04
C LEU A 766 18.01 17.29 12.06
N THR A 767 18.01 18.54 12.52
CA THR A 767 16.99 19.05 13.43
C THR A 767 16.21 20.22 12.85
N LYS A 768 16.62 20.78 11.71
CA LYS A 768 15.87 21.79 10.99
C LYS A 768 15.52 21.25 9.61
N TRP A 769 14.33 21.63 9.12
CA TRP A 769 13.82 21.11 7.86
C TRP A 769 13.24 22.25 7.04
N TYR A 770 13.39 22.12 5.72
CA TYR A 770 12.80 23.01 4.74
C TYR A 770 11.78 22.21 3.95
N SER A 771 10.55 22.70 3.90
CA SER A 771 9.41 21.95 3.40
C SER A 771 8.78 22.66 2.22
N ARG A 772 8.49 21.90 1.17
CA ARG A 772 7.81 22.43 0.00
C ARG A 772 6.82 21.40 -0.50
N VAL A 773 5.86 21.86 -1.29
CA VAL A 773 4.81 21.01 -1.84
C VAL A 773 4.54 21.43 -3.27
N VAL A 774 4.25 20.45 -4.12
CA VAL A 774 4.02 20.67 -5.55
C VAL A 774 2.72 20.01 -5.96
N PHE A 775 1.87 20.77 -6.65
CA PHE A 775 0.58 20.33 -7.15
C PHE A 775 0.67 20.14 -8.65
N GLN A 776 0.34 18.94 -9.14
CA GLN A 776 0.26 18.73 -10.58
C GLN A 776 -0.39 17.39 -10.89
N MET A 777 -1.35 17.39 -11.83
CA MET A 777 -1.91 16.12 -12.29
C MET A 777 -1.03 15.45 -13.33
N PRO A 778 -0.65 16.10 -14.45
CA PRO A 778 0.24 15.44 -15.40
C PRO A 778 1.68 15.39 -14.89
N HIS A 779 2.52 14.66 -15.62
CA HIS A 779 3.88 14.39 -15.23
C HIS A 779 4.90 15.36 -15.84
N GLN A 780 4.45 16.37 -16.58
CA GLN A 780 5.39 17.28 -17.23
C GLN A 780 6.14 18.11 -16.20
N GLU A 781 5.43 18.75 -15.28
CA GLU A 781 6.02 19.75 -14.42
C GLU A 781 6.57 19.19 -13.11
N ILE A 782 6.33 17.91 -12.81
CA ILE A 782 6.77 17.35 -11.53
C ILE A 782 8.28 17.46 -11.40
N VAL A 783 9.01 17.13 -12.46
CA VAL A 783 10.46 17.08 -12.38
C VAL A 783 11.06 18.47 -12.23
N ASP A 784 10.56 19.45 -13.00
CA ASP A 784 11.16 20.77 -12.91
C ASP A 784 10.74 21.49 -11.64
N SER A 785 9.53 21.23 -11.14
CA SER A 785 9.15 21.78 -9.84
C SER A 785 10.00 21.17 -8.72
N LEU A 786 10.30 19.88 -8.82
CA LEU A 786 11.21 19.27 -7.84
C LEU A 786 12.61 19.85 -7.97
N LYS A 787 13.04 20.19 -9.19
CA LYS A 787 14.32 20.85 -9.36
C LYS A 787 14.32 22.22 -8.68
N LEU A 788 13.23 22.98 -8.83
CA LEU A 788 13.11 24.26 -8.14
C LEU A 788 13.17 24.06 -6.64
N CYS A 789 12.48 23.05 -6.13
CA CYS A 789 12.51 22.76 -4.70
C CYS A 789 13.93 22.44 -4.23
N LEU A 790 14.65 21.63 -5.01
CA LEU A 790 16.02 21.26 -4.65
C LEU A 790 16.94 22.47 -4.67
N VAL A 791 16.79 23.34 -5.66
CA VAL A 791 17.61 24.54 -5.73
C VAL A 791 17.35 25.43 -4.53
N GLY A 792 16.07 25.63 -4.19
CA GLY A 792 15.75 26.42 -3.00
C GLY A 792 16.31 25.81 -1.74
N SER A 793 16.23 24.49 -1.61
CA SER A 793 16.76 23.82 -0.44
C SER A 793 18.28 24.01 -0.33
N LEU A 794 18.98 23.89 -1.45
CA LEU A 794 20.43 24.08 -1.42
C LEU A 794 20.79 25.52 -1.11
N LYS A 795 20.03 26.49 -1.63
CA LYS A 795 20.30 27.88 -1.29
C LYS A 795 20.09 28.13 0.20
N LYS A 796 19.02 27.58 0.78
CA LYS A 796 18.81 27.73 2.22
C LYS A 796 19.91 27.05 3.02
N TYR A 797 20.37 25.88 2.56
CA TYR A 797 21.47 25.19 3.23
C TYR A 797 22.74 26.05 3.22
N TYR A 798 23.05 26.65 2.06
CA TYR A 798 24.21 27.52 1.97
C TYR A 798 24.06 28.72 2.89
N GLU A 799 22.87 29.32 2.93
CA GLU A 799 22.66 30.48 3.79
C GLU A 799 22.87 30.12 5.25
N VAL A 800 22.33 28.99 5.69
CA VAL A 800 22.43 28.61 7.10
C VAL A 800 23.85 28.21 7.46
N ASN A 801 24.53 27.48 6.58
CA ASN A 801 25.81 26.86 6.91
C ASN A 801 27.01 27.54 6.26
N HIS A 802 26.80 28.42 5.28
CA HIS A 802 27.89 29.06 4.55
C HIS A 802 28.74 28.05 3.79
N CYS A 803 28.14 26.93 3.40
CA CYS A 803 28.82 25.95 2.57
C CYS A 803 27.77 24.99 2.00
N LEU A 804 28.01 24.53 0.77
CA LEU A 804 27.08 23.63 0.12
C LEU A 804 27.36 22.18 0.53
N PRO A 805 26.36 21.30 0.48
CA PRO A 805 26.57 19.93 0.97
C PRO A 805 27.36 19.09 -0.02
N GLU A 806 28.31 18.31 0.52
CA GLU A 806 29.10 17.42 -0.31
C GLU A 806 28.30 16.19 -0.73
N LYS A 807 27.51 15.63 0.18
CA LYS A 807 26.74 14.41 -0.07
C LYS A 807 25.27 14.72 0.15
N ILE A 808 24.42 14.20 -0.75
CA ILE A 808 22.98 14.39 -0.69
C ILE A 808 22.33 13.02 -0.78
N VAL A 809 21.48 12.69 0.18
CA VAL A 809 20.78 11.41 0.22
C VAL A 809 19.29 11.68 0.00
N VAL A 810 18.72 11.03 -1.01
CA VAL A 810 17.32 11.18 -1.36
C VAL A 810 16.60 9.88 -1.00
N TYR A 811 15.45 10.02 -0.34
CA TYR A 811 14.61 8.89 0.04
C TYR A 811 13.27 9.08 -0.65
N ARG A 812 13.11 8.43 -1.80
CA ARG A 812 11.93 8.60 -2.65
C ARG A 812 10.91 7.53 -2.30
N ASP A 813 9.65 7.93 -2.18
CA ASP A 813 8.58 7.02 -1.78
C ASP A 813 7.35 7.32 -2.63
N GLY A 814 6.41 6.39 -2.63
CA GLY A 814 5.22 6.51 -3.45
C GLY A 814 5.40 6.06 -4.88
N VAL A 815 6.42 5.26 -5.16
CA VAL A 815 6.73 4.77 -6.50
C VAL A 815 6.36 3.30 -6.56
N SER A 816 5.41 2.95 -7.41
CA SER A 816 5.04 1.56 -7.61
C SER A 816 6.12 0.84 -8.41
N ASP A 817 5.99 -0.47 -8.51
CA ASP A 817 6.99 -1.27 -9.21
C ASP A 817 7.08 -0.90 -10.67
N GLY A 818 5.93 -0.67 -11.33
CA GLY A 818 5.94 -0.44 -12.76
C GLY A 818 6.78 0.75 -13.18
N GLN A 819 6.77 1.81 -12.36
CA GLN A 819 7.54 3.02 -12.66
C GLN A 819 8.95 2.97 -12.11
N LEU A 820 9.33 1.90 -11.40
CA LEU A 820 10.67 1.83 -10.83
C LEU A 820 11.73 1.92 -11.92
N LYS A 821 11.40 1.51 -13.14
CA LYS A 821 12.35 1.60 -14.24
C LYS A 821 12.48 3.02 -14.76
N THR A 822 11.37 3.77 -14.75
CA THR A 822 11.43 5.15 -15.24
C THR A 822 12.20 6.05 -14.28
N VAL A 823 11.87 5.97 -12.98
CA VAL A 823 12.48 6.84 -11.99
C VAL A 823 13.99 6.65 -11.96
N ALA A 824 14.44 5.41 -12.15
CA ALA A 824 15.88 5.14 -12.17
C ALA A 824 16.54 5.76 -13.39
N ASN A 825 15.85 5.78 -14.53
CA ASN A 825 16.49 6.08 -15.80
C ASN A 825 16.28 7.52 -16.27
N TYR A 826 15.17 8.15 -15.92
CA TYR A 826 14.81 9.47 -16.43
C TYR A 826 14.83 10.55 -15.36
N GLU A 827 14.10 10.35 -14.26
CA GLU A 827 13.86 11.44 -13.33
C GLU A 827 15.13 11.84 -12.58
N ILE A 828 15.92 10.85 -12.14
CA ILE A 828 17.08 11.16 -11.30
C ILE A 828 18.15 11.96 -12.06
N PRO A 829 18.52 11.59 -13.30
CA PRO A 829 19.43 12.48 -14.05
C PRO A 829 18.86 13.87 -14.28
N GLN A 830 17.55 13.97 -14.50
CA GLN A 830 16.94 15.29 -14.65
C GLN A 830 17.12 16.12 -13.38
N LEU A 831 16.93 15.51 -12.21
CA LEU A 831 17.19 16.23 -10.96
C LEU A 831 18.67 16.58 -10.83
N GLN A 832 19.55 15.65 -11.17
CA GLN A 832 20.99 15.91 -11.06
C GLN A 832 21.44 17.04 -11.98
N LYS A 833 20.70 17.29 -13.05
CA LYS A 833 21.05 18.39 -13.95
C LYS A 833 20.98 19.75 -13.27
N CYS A 834 20.29 19.86 -12.14
CA CYS A 834 20.06 21.17 -11.52
C CYS A 834 21.30 21.74 -10.84
N PHE A 835 22.29 20.92 -10.53
CA PHE A 835 23.49 21.40 -9.83
C PHE A 835 24.41 22.25 -10.70
N GLU A 836 24.07 22.50 -11.97
CA GLU A 836 24.92 23.23 -12.88
C GLU A 836 24.80 24.74 -12.75
N ALA A 837 23.94 25.23 -11.85
CA ALA A 837 23.79 26.65 -11.59
C ALA A 837 24.45 27.07 -10.28
N PHE A 838 25.48 26.35 -9.84
CA PHE A 838 26.12 26.59 -8.55
C PHE A 838 27.64 26.71 -8.71
N ASP A 839 28.11 27.12 -9.90
CA ASP A 839 29.52 27.44 -10.13
C ASP A 839 30.42 26.24 -9.84
N ASN A 840 30.25 25.21 -10.66
CA ASN A 840 31.11 24.03 -10.64
C ASN A 840 31.02 23.31 -9.31
N TYR A 841 29.81 22.83 -9.00
CA TYR A 841 29.51 22.14 -7.75
C TYR A 841 28.96 20.77 -8.10
N HIS A 842 29.70 19.72 -7.76
CA HIS A 842 29.34 18.34 -8.07
C HIS A 842 29.24 17.53 -6.77
N PRO A 843 28.07 17.36 -6.20
CA PRO A 843 27.95 16.56 -4.98
C PRO A 843 27.87 15.07 -5.31
N LYS A 844 27.80 14.26 -4.25
CA LYS A 844 27.74 12.81 -4.35
C LYS A 844 26.35 12.36 -3.91
N MET A 845 25.52 11.97 -4.86
CA MET A 845 24.13 11.65 -4.60
C MET A 845 23.94 10.16 -4.31
N VAL A 846 22.98 9.86 -3.44
CA VAL A 846 22.50 8.51 -3.19
C VAL A 846 20.98 8.57 -3.15
N VAL A 847 20.34 7.70 -3.94
CA VAL A 847 18.88 7.74 -4.10
C VAL A 847 18.31 6.36 -3.81
N PHE A 848 17.29 6.32 -2.97
CA PHE A 848 16.60 5.08 -2.62
C PHE A 848 15.15 5.15 -3.10
N VAL A 849 14.53 3.97 -3.16
CA VAL A 849 13.10 3.82 -3.41
C VAL A 849 12.52 2.94 -2.32
N VAL A 850 11.51 3.44 -1.62
CA VAL A 850 10.94 2.78 -0.46
C VAL A 850 9.57 2.22 -0.85
N GLN A 851 9.33 0.95 -0.52
CA GLN A 851 8.05 0.29 -0.76
C GLN A 851 7.54 -0.25 0.56
N LYS A 852 6.44 0.31 1.05
CA LYS A 852 5.80 -0.17 2.27
C LYS A 852 4.93 -1.39 2.02
N LYS A 853 4.16 -1.39 0.93
CA LYS A 853 3.22 -2.47 0.63
C LYS A 853 4.00 -3.62 -0.01
N ILE A 854 4.35 -4.61 0.79
CA ILE A 854 4.96 -5.85 0.31
C ILE A 854 4.27 -7.01 0.98
N SER A 855 4.31 -8.17 0.31
CA SER A 855 3.61 -9.37 0.74
C SER A 855 4.57 -10.45 1.25
N THR A 856 5.73 -10.03 1.74
CA THR A 856 6.71 -10.95 2.32
C THR A 856 6.67 -10.82 3.83
N ASN A 857 6.55 -11.96 4.51
CA ASN A 857 6.47 -12.01 5.97
C ASN A 857 7.72 -12.69 6.53
N LEU A 858 8.25 -12.13 7.61
CA LEU A 858 9.39 -12.69 8.32
C LEU A 858 8.91 -13.23 9.66
N TYR A 859 9.31 -14.46 9.98
CA TYR A 859 9.03 -15.06 11.28
C TYR A 859 10.36 -15.44 11.92
N LEU A 860 10.67 -14.86 13.06
CA LEU A 860 11.89 -15.24 13.76
C LEU A 860 11.72 -16.66 14.29
N ALA A 861 12.73 -17.50 14.08
CA ALA A 861 12.62 -18.91 14.43
C ALA A 861 12.99 -19.08 15.90
N ALA A 862 11.99 -19.12 16.77
CA ALA A 862 12.22 -19.43 18.16
C ALA A 862 12.47 -20.93 18.33
N PRO A 863 12.99 -21.36 19.48
CA PRO A 863 13.31 -22.78 19.65
C PRO A 863 12.12 -23.71 19.43
N ASP A 864 10.90 -23.25 19.62
CA ASP A 864 9.70 -24.09 19.53
C ASP A 864 8.81 -23.77 18.35
N HIS A 865 8.48 -22.49 18.14
CA HIS A 865 7.55 -22.09 17.09
C HIS A 865 8.01 -20.77 16.49
N PHE A 866 7.41 -20.42 15.36
CA PHE A 866 7.80 -19.23 14.63
C PHE A 866 7.10 -18.01 15.24
N VAL A 867 7.88 -17.05 15.73
CA VAL A 867 7.34 -15.90 16.46
C VAL A 867 7.59 -14.63 15.66
N THR A 868 7.07 -13.51 16.16
CA THR A 868 7.25 -12.25 15.46
C THR A 868 8.70 -11.80 15.58
N PRO A 869 9.32 -11.27 14.52
CA PRO A 869 10.73 -10.90 14.61
C PRO A 869 10.91 -9.59 15.37
N SER A 870 12.12 -9.42 15.89
CA SER A 870 12.44 -8.24 16.68
C SER A 870 12.66 -7.03 15.77
N PRO A 871 12.55 -5.82 16.31
CA PRO A 871 12.81 -4.63 15.50
C PRO A 871 14.29 -4.48 15.16
N GLY A 872 14.54 -3.84 14.02
CA GLY A 872 15.90 -3.63 13.57
C GLY A 872 16.48 -4.77 12.76
N THR A 873 15.64 -5.63 12.19
CA THR A 873 16.10 -6.79 11.44
C THR A 873 16.35 -6.38 9.98
N VAL A 874 17.52 -6.75 9.46
CA VAL A 874 17.90 -6.45 8.10
C VAL A 874 18.19 -7.75 7.36
N VAL A 875 17.67 -7.85 6.13
CA VAL A 875 17.86 -9.03 5.29
C VAL A 875 18.35 -8.57 3.93
N ASP A 876 19.41 -9.22 3.42
CA ASP A 876 19.95 -8.93 2.11
C ASP A 876 20.40 -10.20 1.40
N HIS A 877 19.73 -11.32 1.67
CA HIS A 877 20.10 -12.63 1.15
C HIS A 877 18.93 -13.23 0.38
N THR A 878 19.20 -13.72 -0.84
CA THR A 878 18.38 -14.75 -1.48
C THR A 878 16.91 -14.40 -1.69
N ILE A 879 16.49 -13.18 -1.37
CA ILE A 879 15.10 -12.75 -1.59
C ILE A 879 15.00 -11.38 -2.23
N THR A 880 16.13 -10.73 -2.51
CA THR A 880 16.14 -9.37 -3.00
C THR A 880 16.13 -9.35 -4.53
N SER A 881 15.91 -8.17 -5.09
CA SER A 881 15.80 -8.04 -6.53
C SER A 881 17.10 -8.43 -7.21
N CYS A 882 16.99 -8.93 -8.44
CA CYS A 882 18.12 -9.54 -9.14
C CYS A 882 18.97 -8.55 -9.93
N GLU A 883 18.53 -7.29 -10.06
CA GLU A 883 19.28 -6.29 -10.81
C GLU A 883 19.67 -5.07 -10.00
N TRP A 884 18.93 -4.71 -8.95
CA TRP A 884 19.26 -3.59 -8.09
C TRP A 884 19.98 -4.07 -6.83
N VAL A 885 20.68 -3.14 -6.20
CA VAL A 885 21.13 -3.29 -4.83
C VAL A 885 19.98 -2.90 -3.92
N ASP A 886 19.67 -3.74 -2.94
CA ASP A 886 18.48 -3.51 -2.14
C ASP A 886 18.53 -4.38 -0.89
N PHE A 887 17.66 -4.04 0.06
CA PHE A 887 17.58 -4.79 1.30
C PHE A 887 16.23 -4.58 1.96
N TYR A 888 15.82 -5.57 2.75
CA TYR A 888 14.61 -5.50 3.56
C TYR A 888 14.97 -5.10 4.99
N LEU A 889 14.18 -4.19 5.57
CA LEU A 889 14.42 -3.70 6.91
C LEU A 889 13.11 -3.64 7.67
N LEU A 890 13.06 -4.35 8.81
CA LEU A 890 11.94 -4.24 9.75
C LEU A 890 12.45 -3.45 10.95
N ALA A 891 11.87 -2.26 11.15
CA ALA A 891 12.35 -1.32 12.16
C ALA A 891 11.37 -1.08 13.30
N HIS A 892 10.07 -1.09 13.03
CA HIS A 892 9.09 -0.78 14.05
C HIS A 892 8.79 -2.01 14.90
N HIS A 893 8.21 -1.76 16.07
CA HIS A 893 7.87 -2.81 17.02
C HIS A 893 6.50 -3.39 16.65
N VAL A 894 6.49 -4.68 16.29
CA VAL A 894 5.28 -5.35 15.83
C VAL A 894 4.63 -6.04 17.02
N ARG A 895 3.32 -5.85 17.17
CA ARG A 895 2.56 -6.42 18.27
C ARG A 895 1.35 -7.24 17.84
N GLN A 896 0.87 -7.08 16.61
CA GLN A 896 -0.37 -7.68 16.15
C GLN A 896 -0.17 -8.13 14.70
N GLY A 897 0.13 -9.41 14.52
CA GLY A 897 0.33 -9.98 13.20
C GLY A 897 1.76 -10.40 12.95
N CYS A 898 2.11 -10.56 11.68
CA CYS A 898 3.45 -10.94 11.27
C CYS A 898 4.26 -9.71 10.85
N GLY A 899 5.57 -9.81 10.99
CA GLY A 899 6.43 -8.70 10.69
C GLY A 899 6.65 -8.50 9.21
N ILE A 900 6.04 -7.45 8.65
CA ILE A 900 6.20 -7.11 7.24
C ILE A 900 7.30 -6.06 7.14
N PRO A 901 8.44 -6.36 6.51
CA PRO A 901 9.52 -5.38 6.43
C PRO A 901 9.27 -4.37 5.31
N THR A 902 10.23 -3.48 5.12
CA THR A 902 10.19 -2.45 4.10
C THR A 902 11.36 -2.64 3.15
N HIS A 903 11.11 -2.51 1.87
CA HIS A 903 12.08 -2.81 0.82
C HIS A 903 12.72 -1.51 0.34
N TYR A 904 14.04 -1.40 0.52
CA TYR A 904 14.81 -0.24 0.07
C TYR A 904 15.62 -0.66 -1.14
N ILE A 905 15.47 0.08 -2.24
CA ILE A 905 16.15 -0.18 -3.50
C ILE A 905 17.00 1.04 -3.84
N CYS A 906 18.31 0.84 -3.94
CA CYS A 906 19.24 1.91 -4.24
C CYS A 906 19.37 2.04 -5.76
N VAL A 907 18.77 3.09 -6.32
CA VAL A 907 18.74 3.28 -7.77
C VAL A 907 19.84 4.22 -8.26
N LEU A 908 20.66 4.77 -7.36
CA LEU A 908 21.80 5.59 -7.76
C LEU A 908 22.70 5.75 -6.55
N ASN A 909 24.00 5.50 -6.74
CA ASN A 909 24.98 5.62 -5.67
C ASN A 909 26.30 6.08 -6.29
N THR A 910 26.51 7.40 -6.30
CA THR A 910 27.77 7.98 -6.73
C THR A 910 28.74 8.24 -5.58
N ALA A 911 28.31 8.04 -4.34
CA ALA A 911 29.17 8.22 -3.18
C ALA A 911 29.92 6.94 -2.80
N ASN A 912 29.63 5.82 -3.46
CA ASN A 912 30.32 4.55 -3.18
C ASN A 912 30.16 4.15 -1.72
N LEU A 913 28.98 4.39 -1.16
CA LEU A 913 28.72 4.00 0.22
C LEU A 913 28.67 2.49 0.35
N SER A 914 29.34 1.97 1.38
CA SER A 914 29.28 0.54 1.63
C SER A 914 27.87 0.16 2.09
N PRO A 915 27.44 -1.09 1.85
CA PRO A 915 26.06 -1.46 2.23
C PRO A 915 25.76 -1.28 3.71
N ASP A 916 26.72 -1.60 4.56
CA ASP A 916 26.55 -1.38 6.00
C ASP A 916 26.20 0.06 6.30
N HIS A 917 26.89 1.00 5.63
CA HIS A 917 26.64 2.41 5.91
C HIS A 917 25.25 2.85 5.47
N MET A 918 24.76 2.39 4.32
CA MET A 918 23.42 2.78 3.92
C MET A 918 22.38 2.21 4.88
N GLN A 919 22.55 0.94 5.28
CA GLN A 919 21.60 0.35 6.22
C GLN A 919 21.61 1.10 7.56
N ARG A 920 22.82 1.43 8.05
CA ARG A 920 22.92 2.17 9.31
C ARG A 920 22.28 3.56 9.19
N LEU A 921 22.50 4.25 8.07
CA LEU A 921 21.91 5.57 7.92
C LEU A 921 20.39 5.49 7.86
N THR A 922 19.84 4.49 7.17
CA THR A 922 18.39 4.32 7.13
C THR A 922 17.84 4.05 8.52
N PHE A 923 18.48 3.15 9.28
CA PHE A 923 17.99 2.83 10.60
C PHE A 923 18.08 4.04 11.53
N LYS A 924 19.14 4.83 11.40
CA LYS A 924 19.25 6.05 12.20
C LYS A 924 18.14 7.03 11.85
N LEU A 925 17.87 7.22 10.55
CA LEU A 925 16.79 8.12 10.16
C LEU A 925 15.43 7.63 10.61
N CYS A 926 15.28 6.33 10.83
CA CYS A 926 14.02 5.83 11.37
C CYS A 926 13.74 6.26 12.80
N HIS A 927 14.72 6.84 13.50
CA HIS A 927 14.57 7.27 14.88
C HIS A 927 14.20 8.74 15.03
N MET A 928 14.09 9.49 13.93
CA MET A 928 14.02 10.95 13.99
C MET A 928 12.64 11.49 13.65
N TYR A 929 11.59 10.70 13.80
CA TYR A 929 10.22 11.18 13.62
C TYR A 929 9.70 11.68 14.96
N TRP A 930 9.43 12.99 15.04
CA TRP A 930 9.21 13.65 16.32
C TRP A 930 7.76 13.58 16.80
N ASN A 931 6.83 13.12 15.98
CA ASN A 931 5.44 12.98 16.39
C ASN A 931 5.15 11.63 17.06
N TRP A 932 6.16 10.78 17.21
CA TRP A 932 6.02 9.47 17.82
C TRP A 932 7.33 9.07 18.48
N PRO A 933 7.45 9.07 19.82
CA PRO A 933 8.71 8.65 20.43
C PRO A 933 8.92 7.16 20.29
N GLY A 934 9.81 6.78 19.38
CA GLY A 934 10.03 5.39 19.02
C GLY A 934 10.29 5.26 17.54
N THR A 935 10.68 4.08 17.09
CA THR A 935 10.97 3.88 15.67
C THR A 935 9.68 3.68 14.88
N ILE A 936 9.67 4.20 13.65
CA ILE A 936 8.55 4.08 12.74
C ILE A 936 8.97 3.21 11.56
N ARG A 937 8.04 2.96 10.64
CA ARG A 937 8.34 2.06 9.52
C ARG A 937 9.34 2.69 8.56
N VAL A 938 9.04 3.89 8.07
CA VAL A 938 9.84 4.54 7.02
C VAL A 938 10.72 5.62 7.63
N PRO A 939 11.68 6.16 6.89
CA PRO A 939 12.48 7.27 7.42
C PRO A 939 11.62 8.49 7.70
N ALA A 940 12.06 9.30 8.67
CA ALA A 940 11.29 10.45 9.09
C ALA A 940 10.98 11.43 7.96
N PRO A 941 11.92 11.77 7.07
CA PRO A 941 11.56 12.70 5.97
C PRO A 941 10.40 12.21 5.11
N CYS A 942 10.33 10.90 4.83
CA CYS A 942 9.23 10.39 4.03
C CYS A 942 7.89 10.57 4.72
N LYS A 943 7.83 10.29 6.03
CA LYS A 943 6.59 10.48 6.76
C LYS A 943 6.22 11.95 6.84
N TYR A 944 7.20 12.83 7.01
CA TYR A 944 6.93 14.26 7.00
C TYR A 944 6.35 14.70 5.66
N ALA A 945 6.94 14.21 4.57
CA ALA A 945 6.43 14.55 3.24
C ALA A 945 5.01 14.03 3.04
N HIS A 946 4.75 12.82 3.54
CA HIS A 946 3.40 12.25 3.42
C HIS A 946 2.38 13.10 4.16
N LYS A 947 2.71 13.51 5.39
CA LYS A 947 1.79 14.34 6.16
C LYS A 947 1.59 15.69 5.50
N LEU A 948 2.66 16.30 5.00
CA LEU A 948 2.55 17.59 4.33
C LEU A 948 1.65 17.49 3.10
N ALA A 949 1.87 16.46 2.29
CA ALA A 949 1.05 16.28 1.09
C ALA A 949 -0.40 16.03 1.45
N PHE A 950 -0.65 15.22 2.48
CA PHE A 950 -2.02 14.94 2.90
C PHE A 950 -2.72 16.22 3.35
N LEU A 951 -2.03 17.03 4.16
CA LEU A 951 -2.64 18.27 4.62
C LEU A 951 -2.90 19.22 3.44
N SER A 952 -1.98 19.30 2.49
CA SER A 952 -2.13 20.25 1.40
C SER A 952 -3.20 19.80 0.41
N GLY A 953 -3.36 18.51 0.20
CA GLY A 953 -4.29 18.00 -0.80
C GLY A 953 -5.68 17.72 -0.27
N GLN A 954 -5.78 17.39 1.01
CA GLN A 954 -7.06 17.00 1.62
C GLN A 954 -7.75 18.18 2.28
N ILE A 955 -7.05 18.86 3.19
CA ILE A 955 -7.69 19.87 4.04
C ILE A 955 -7.59 21.26 3.42
N LEU A 956 -6.41 21.65 2.96
CA LEU A 956 -6.21 23.03 2.51
C LEU A 956 -6.64 23.24 1.07
N HIS A 957 -6.49 22.22 0.22
CA HIS A 957 -6.74 22.36 -1.22
C HIS A 957 -5.92 23.50 -1.81
N HIS A 958 -4.74 23.73 -1.25
CA HIS A 958 -3.87 24.85 -1.59
C HIS A 958 -2.51 24.56 -0.99
N GLU A 959 -1.52 25.37 -1.38
CA GLU A 959 -0.19 25.21 -0.80
C GLU A 959 -0.03 26.16 0.39
N PRO A 960 0.54 25.70 1.50
CA PRO A 960 0.62 26.58 2.68
C PRO A 960 1.51 27.78 2.43
N ALA A 961 1.29 28.83 3.20
CA ALA A 961 2.04 30.06 3.04
C ALA A 961 3.53 29.80 3.24
N ILE A 962 4.35 30.48 2.43
CA ILE A 962 5.80 30.27 2.48
C ILE A 962 6.41 30.80 3.76
N GLN A 963 5.65 31.56 4.56
CA GLN A 963 6.16 32.03 5.85
C GLN A 963 6.29 30.89 6.84
N LEU A 964 5.44 29.87 6.75
CA LEU A 964 5.38 28.80 7.71
C LEU A 964 6.27 27.61 7.36
N CYS A 965 6.99 27.66 6.25
CA CYS A 965 7.74 26.52 5.76
C CYS A 965 9.11 26.37 6.43
N GLY A 966 9.38 27.15 7.48
CA GLY A 966 10.63 27.03 8.20
C GLY A 966 10.55 26.09 9.39
N ASN A 967 9.34 25.77 9.83
CA ASN A 967 9.09 24.90 10.97
C ASN A 967 8.30 23.68 10.52
N LEU A 968 8.01 22.80 11.46
CA LEU A 968 7.17 21.63 11.21
C LEU A 968 5.73 21.93 11.60
N PHE A 969 5.16 22.91 10.90
CA PHE A 969 3.78 23.32 11.11
C PHE A 969 2.77 22.24 10.72
N PHE A 970 3.17 21.24 9.93
CA PHE A 970 2.25 20.25 9.40
C PHE A 970 2.08 19.04 10.31
N LEU A 971 2.39 19.18 11.59
CA LEU A 971 2.21 18.09 12.53
C LEU A 971 0.78 18.09 13.08
#